data_6WWA
#
_entry.id   6WWA
#
_cell.length_a   331.842
_cell.length_b   331.842
_cell.length_c   331.842
_cell.angle_alpha   90.000
_cell.angle_beta   90.000
_cell.angle_gamma   90.000
#
_symmetry.space_group_name_H-M   'I 4 3 2'
#
loop_
_entity.id
_entity.type
_entity.pdbx_description
1 polymer 'Mitotic spindle assembly checkpoint protein MAD2B'
2 polymer 'Shieldin complex subunit 2,Shieldin complex subunit 3 chimera'
#
loop_
_entity_poly.entity_id
_entity_poly.type
_entity_poly.pdbx_seq_one_letter_code
_entity_poly.pdbx_strand_id
1 'polypeptide(L)'
;STTLTRQDLNFGQVVADVLCEFLEVAVHLILYVREVYPVGIFQKRKKYNVPVQMSCHPELNQYIQDTLHCVKPLLEKNDV
EKVVVVILDKEHRPVEKFVFEITQPPLLSISSDSLLSHVEQLLRAFILKISVCDAVLDHNPPGCTFTVLVHTREAATRNM
EKIQVIKDFPWILADEQDVHMHDPRLIPLKTMTSDILKMQLYVEERAHKGS
;
A,D,C,B
2 'polypeptide(L)'
;MSQVHIFWGAPIAPLKGSGSGSGSGSGSGSGSTTEVILHYRPCESDPTQLPKIAEKAIQDFPTRPLSRFIPWFPYDGSKL
PLRPKRSPPASREEIMATL
;
Y,X
#
# COMPACT_ATOMS: atom_id res chain seq x y z
N GLY A 12 36.73 47.20 1.55
CA GLY A 12 37.92 46.47 1.17
C GLY A 12 37.64 45.03 0.80
N GLN A 13 38.57 44.14 1.11
CA GLN A 13 38.41 42.72 0.86
C GLN A 13 38.04 42.05 2.19
N VAL A 14 36.83 41.52 2.26
CA VAL A 14 36.26 41.05 3.53
C VAL A 14 36.15 39.54 3.61
N VAL A 15 36.43 38.82 2.53
CA VAL A 15 36.30 37.35 2.54
C VAL A 15 37.19 36.73 3.61
N ALA A 16 38.27 37.42 3.97
CA ALA A 16 39.16 36.90 5.00
C ALA A 16 38.50 36.90 6.38
N ASP A 17 37.54 37.80 6.60
CA ASP A 17 36.88 37.87 7.90
C ASP A 17 35.93 36.70 8.10
N VAL A 18 35.14 36.36 7.08
CA VAL A 18 34.24 35.21 7.18
C VAL A 18 35.05 33.91 7.17
N LEU A 19 36.19 33.89 6.48
CA LEU A 19 37.01 32.68 6.48
C LEU A 19 37.68 32.46 7.82
N CYS A 20 38.14 33.53 8.49
CA CYS A 20 38.78 33.37 9.79
C CYS A 20 37.77 32.95 10.85
N GLU A 21 36.55 33.51 10.80
CA GLU A 21 35.51 33.09 11.74
C GLU A 21 35.09 31.65 11.47
N PHE A 22 35.01 31.26 10.20
CA PHE A 22 34.69 29.88 9.86
C PHE A 22 35.79 28.94 10.31
N LEU A 23 37.05 29.32 10.09
CA LEU A 23 38.16 28.46 10.52
C LEU A 23 38.24 28.38 12.03
N GLU A 24 37.85 29.44 12.74
CA GLU A 24 37.86 29.40 14.20
C GLU A 24 36.84 28.40 14.73
N VAL A 25 35.61 28.44 14.22
CA VAL A 25 34.62 27.46 14.66
C VAL A 25 34.98 26.07 14.16
N ALA A 26 35.69 25.98 13.03
CA ALA A 26 36.06 24.68 12.49
C ALA A 26 37.12 24.03 13.36
N VAL A 27 38.15 24.77 13.76
CA VAL A 27 39.22 24.17 14.55
C VAL A 27 38.72 23.81 15.95
N HIS A 28 37.85 24.64 16.54
CA HIS A 28 37.25 24.32 17.82
C HIS A 28 36.47 23.02 17.75
N LEU A 29 35.68 22.85 16.67
CA LEU A 29 34.92 21.61 16.51
C LEU A 29 35.82 20.43 16.22
N ILE A 30 36.91 20.67 15.47
CA ILE A 30 37.85 19.59 15.17
C ILE A 30 38.50 19.08 16.46
N LEU A 31 38.89 19.99 17.34
CA LEU A 31 39.48 19.58 18.61
C LEU A 31 38.49 18.83 19.49
N TYR A 32 37.20 19.12 19.34
CA TYR A 32 36.18 18.37 20.08
C TYR A 32 35.95 17.00 19.47
N VAL A 33 35.80 16.93 18.15
CA VAL A 33 35.42 15.67 17.51
C VAL A 33 36.57 14.67 17.56
N ARG A 34 37.80 15.15 17.46
CA ARG A 34 38.96 14.27 17.47
C ARG A 34 39.53 14.04 18.86
N GLU A 35 38.90 14.61 19.89
CA GLU A 35 39.27 14.35 21.29
C GLU A 35 40.73 14.71 21.55
N VAL A 36 41.20 15.78 20.93
CA VAL A 36 42.55 16.26 21.23
C VAL A 36 42.60 16.79 22.67
N TYR A 37 41.49 17.29 23.18
CA TYR A 37 41.34 17.81 24.53
C TYR A 37 40.07 17.23 25.15
N PRO A 38 40.02 17.14 26.48
CA PRO A 38 38.85 16.54 27.13
C PRO A 38 37.58 17.35 26.87
N VAL A 39 36.44 16.64 26.99
CA VAL A 39 35.15 17.27 26.70
C VAL A 39 34.78 18.33 27.73
N GLY A 40 35.41 18.32 28.91
CA GLY A 40 35.06 19.27 29.94
C GLY A 40 35.40 20.70 29.63
N ILE A 41 36.27 20.94 28.64
CA ILE A 41 36.65 22.29 28.26
C ILE A 41 35.79 22.84 27.12
N PHE A 42 34.82 22.06 26.63
CA PHE A 42 33.99 22.47 25.51
C PHE A 42 32.58 22.83 25.98
N GLN A 43 31.96 23.78 25.28
CA GLN A 43 30.61 24.22 25.56
C GLN A 43 29.84 24.32 24.24
N LYS A 44 28.55 24.03 24.30
CA LYS A 44 27.69 24.07 23.12
C LYS A 44 27.34 25.52 22.79
N ARG A 45 27.66 25.93 21.56
CA ARG A 45 27.30 27.24 21.04
C ARG A 45 26.64 27.04 19.67
N LYS A 46 26.14 28.14 19.11
CA LYS A 46 25.44 28.10 17.82
C LYS A 46 26.17 29.01 16.84
N LYS A 47 26.59 28.44 15.72
CA LYS A 47 27.21 29.19 14.64
C LYS A 47 26.68 28.66 13.32
N TYR A 48 26.24 29.58 12.45
CA TYR A 48 25.61 29.23 11.18
C TYR A 48 24.39 28.33 11.39
N ASN A 49 23.66 28.58 12.48
CA ASN A 49 22.47 27.82 12.85
C ASN A 49 22.78 26.34 13.07
N VAL A 50 23.98 26.02 13.51
CA VAL A 50 24.37 24.65 13.80
C VAL A 50 25.03 24.61 15.19
N PRO A 51 24.69 23.63 16.03
CA PRO A 51 25.39 23.51 17.32
C PRO A 51 26.85 23.11 17.10
N VAL A 52 27.75 23.89 17.71
CA VAL A 52 29.17 23.63 17.69
C VAL A 52 29.68 23.55 19.11
N GLN A 53 30.90 23.05 19.27
CA GLN A 53 31.55 22.95 20.56
C GLN A 53 32.72 23.94 20.59
N MET A 54 32.57 25.01 21.36
CA MET A 54 33.57 26.06 21.45
C MET A 54 34.37 25.90 22.73
N SER A 55 35.67 26.20 22.65
CA SER A 55 36.54 26.15 23.81
C SER A 55 36.32 27.35 24.71
N CYS A 56 36.29 27.11 26.02
CA CYS A 56 36.22 28.17 27.01
C CYS A 56 37.56 28.42 27.69
N HIS A 57 38.63 27.84 27.16
CA HIS A 57 39.96 28.07 27.72
C HIS A 57 40.48 29.42 27.26
N PRO A 58 40.77 30.35 28.18
CA PRO A 58 41.20 31.69 27.73
C PRO A 58 42.49 31.69 26.93
N GLU A 59 43.53 30.99 27.41
CA GLU A 59 44.79 30.98 26.69
C GLU A 59 44.66 30.26 25.35
N LEU A 60 43.84 29.21 25.29
CA LEU A 60 43.64 28.52 24.03
C LEU A 60 42.85 29.37 23.04
N ASN A 61 41.81 30.04 23.52
CA ASN A 61 41.04 30.94 22.65
C ASN A 61 41.91 32.07 22.13
N GLN A 62 42.72 32.67 23.02
CA GLN A 62 43.64 33.72 22.58
C GLN A 62 44.68 33.17 21.60
N TYR A 63 45.06 31.90 21.76
CA TYR A 63 45.99 31.27 20.83
C TYR A 63 45.37 31.11 19.44
N ILE A 64 44.11 30.65 19.40
CA ILE A 64 43.43 30.46 18.12
C ILE A 64 43.18 31.81 17.45
N GLN A 65 42.77 32.81 18.23
CA GLN A 65 42.46 34.11 17.64
C GLN A 65 43.72 34.81 17.15
N ASP A 66 44.81 34.74 17.92
CA ASP A 66 46.07 35.31 17.47
C ASP A 66 46.55 34.64 16.19
N THR A 67 46.37 33.32 16.09
CA THR A 67 46.78 32.61 14.88
C THR A 67 46.01 33.12 13.66
N LEU A 68 44.69 33.14 13.74
CA LEU A 68 43.88 33.51 12.58
C LEU A 68 43.94 35.00 12.28
N HIS A 69 44.17 35.84 13.30
CA HIS A 69 44.37 37.26 13.04
C HIS A 69 45.66 37.53 12.30
N CYS A 70 46.66 36.65 12.42
CA CYS A 70 47.87 36.77 11.62
C CYS A 70 47.73 36.14 10.25
N VAL A 71 46.94 35.07 10.13
CA VAL A 71 46.71 34.43 8.83
C VAL A 71 45.81 35.29 7.95
N LYS A 72 45.03 36.18 8.56
CA LYS A 72 44.02 36.95 7.83
C LYS A 72 44.59 37.79 6.68
N PRO A 73 45.66 38.58 6.87
CA PRO A 73 46.14 39.40 5.75
C PRO A 73 46.61 38.61 4.54
N LEU A 74 47.07 37.38 4.73
CA LEU A 74 47.45 36.55 3.60
C LEU A 74 46.22 36.10 2.81
N LEU A 75 45.09 35.92 3.50
CA LEU A 75 43.84 35.63 2.81
C LEU A 75 43.35 36.83 2.01
N GLU A 76 43.49 38.04 2.58
CA GLU A 76 43.14 39.25 1.85
C GLU A 76 43.98 39.41 0.58
N LYS A 77 45.23 38.99 0.62
CA LYS A 77 46.11 39.05 -0.53
C LYS A 77 45.94 37.87 -1.47
N ASN A 78 45.18 36.85 -1.06
CA ASN A 78 45.02 35.61 -1.82
C ASN A 78 46.37 34.95 -2.10
N ASP A 79 47.06 34.64 -1.02
CA ASP A 79 48.38 34.01 -1.07
C ASP A 79 48.39 32.76 -0.20
N VAL A 80 47.35 31.94 -0.34
CA VAL A 80 47.20 30.71 0.44
C VAL A 80 46.65 29.63 -0.47
N GLU A 81 47.37 28.51 -0.58
CA GLU A 81 46.87 27.36 -1.32
C GLU A 81 46.02 26.47 -0.43
N LYS A 82 46.58 26.03 0.70
CA LYS A 82 45.88 25.15 1.62
C LYS A 82 46.24 25.52 3.05
N VAL A 83 45.25 25.34 3.93
CA VAL A 83 45.42 25.48 5.37
C VAL A 83 45.14 24.13 5.99
N VAL A 84 46.13 23.56 6.67
CA VAL A 84 46.07 22.19 7.17
C VAL A 84 46.12 22.22 8.69
N VAL A 85 45.18 21.52 9.32
CA VAL A 85 45.22 21.24 10.75
C VAL A 85 45.83 19.86 10.94
N VAL A 86 46.98 19.81 11.58
CA VAL A 86 47.75 18.58 11.75
C VAL A 86 47.70 18.18 13.21
N ILE A 87 47.25 16.97 13.49
CA ILE A 87 47.28 16.41 14.83
C ILE A 87 48.49 15.49 14.92
N LEU A 88 49.35 15.74 15.90
CA LEU A 88 50.58 15.00 16.09
C LEU A 88 50.49 14.13 17.32
N ASP A 89 51.03 12.92 17.24
CA ASP A 89 51.04 12.03 18.39
C ASP A 89 52.09 12.49 19.40
N LYS A 90 52.26 11.70 20.46
CA LYS A 90 53.23 12.05 21.50
C LYS A 90 54.67 12.08 20.99
N GLU A 91 54.93 11.52 19.82
CA GLU A 91 56.25 11.56 19.20
C GLU A 91 56.37 12.65 18.14
N HIS A 92 55.44 13.60 18.13
CA HIS A 92 55.43 14.72 17.19
C HIS A 92 55.43 14.24 15.74
N ARG A 93 54.66 13.19 15.46
CA ARG A 93 54.47 12.67 14.12
C ARG A 93 53.03 12.87 13.68
N PRO A 94 52.79 13.37 12.47
CA PRO A 94 51.41 13.62 12.02
C PRO A 94 50.64 12.32 11.83
N VAL A 95 49.49 12.22 12.46
CA VAL A 95 48.68 11.00 12.36
C VAL A 95 47.47 11.28 11.48
N GLU A 96 47.00 12.53 11.47
CA GLU A 96 45.92 12.93 10.59
C GLU A 96 46.12 14.40 10.21
N LYS A 97 45.64 14.77 9.02
CA LYS A 97 45.74 16.13 8.50
C LYS A 97 44.41 16.52 7.88
N PHE A 98 43.87 17.66 8.30
CA PHE A 98 42.64 18.21 7.73
C PHE A 98 43.02 19.31 6.76
N VAL A 99 42.98 19.01 5.47
CA VAL A 99 43.50 19.91 4.44
C VAL A 99 42.36 20.76 3.89
N PHE A 100 42.53 22.08 3.90
CA PHE A 100 41.57 23.02 3.34
C PHE A 100 42.18 23.65 2.10
N GLU A 101 41.88 23.10 0.92
CA GLU A 101 42.39 23.66 -0.32
C GLU A 101 41.54 24.88 -0.72
N ILE A 102 42.21 25.98 -1.04
CA ILE A 102 41.55 27.28 -1.23
C ILE A 102 41.92 27.83 -2.60
N THR A 103 40.91 28.26 -3.35
CA THR A 103 41.09 28.96 -4.61
C THR A 103 40.20 30.19 -4.63
N GLN A 104 40.78 31.35 -4.93
CA GLN A 104 40.04 32.60 -4.98
C GLN A 104 40.03 33.12 -6.40
N PRO A 105 38.89 33.10 -7.09
CA PRO A 105 38.85 33.58 -8.48
C PRO A 105 38.71 35.09 -8.53
N PRO A 106 39.10 35.72 -9.63
CA PRO A 106 39.01 37.18 -9.73
C PRO A 106 37.58 37.67 -9.62
N LEU A 107 37.44 38.97 -9.36
CA LEU A 107 36.16 39.58 -9.06
C LEU A 107 35.97 40.84 -9.89
N LEU A 108 34.73 41.09 -10.32
CA LEU A 108 34.39 42.31 -11.02
C LEU A 108 33.18 42.97 -10.38
N SER A 114 23.54 42.18 -4.15
CA SER A 114 24.64 41.28 -3.84
C SER A 114 24.85 41.17 -2.33
N LEU A 115 24.40 40.07 -1.74
CA LEU A 115 24.59 39.79 -0.33
C LEU A 115 25.42 38.53 -0.17
N LEU A 116 26.00 38.36 1.01
CA LEU A 116 26.94 37.26 1.23
C LEU A 116 26.55 36.41 2.44
N SER A 117 25.27 36.36 2.80
CA SER A 117 24.80 35.30 3.67
C SER A 117 24.65 33.99 2.92
N HIS A 118 24.69 34.03 1.59
CA HIS A 118 24.73 32.81 0.79
C HIS A 118 25.99 32.01 1.09
N VAL A 119 27.10 32.70 1.34
CA VAL A 119 28.36 32.01 1.68
C VAL A 119 28.22 31.28 3.02
N GLU A 120 27.59 31.92 4.00
CA GLU A 120 27.38 31.28 5.28
C GLU A 120 26.49 30.05 5.14
N GLN A 121 25.41 30.15 4.35
CA GLN A 121 24.56 29.00 4.09
C GLN A 121 25.30 27.93 3.30
N LEU A 122 26.34 28.32 2.55
CA LEU A 122 27.15 27.35 1.82
C LEU A 122 28.22 26.72 2.70
N LEU A 123 28.86 27.51 3.57
CA LEU A 123 29.87 27.00 4.46
C LEU A 123 29.31 26.08 5.54
N ARG A 124 27.98 26.06 5.70
CA ARG A 124 27.37 25.20 6.71
C ARG A 124 27.67 23.73 6.45
N ALA A 125 27.75 23.33 5.17
CA ALA A 125 27.95 21.93 4.83
C ALA A 125 29.33 21.42 5.25
N PHE A 126 30.33 22.30 5.24
CA PHE A 126 31.67 21.87 5.67
C PHE A 126 31.69 21.56 7.16
N ILE A 127 31.01 22.37 7.97
CA ILE A 127 30.95 22.11 9.40
C ILE A 127 30.19 20.81 9.67
N LEU A 128 29.07 20.60 8.96
CA LEU A 128 28.33 19.36 9.10
C LEU A 128 29.15 18.15 8.69
N LYS A 129 30.02 18.31 7.68
CA LYS A 129 30.89 17.21 7.27
C LYS A 129 32.01 16.96 8.28
N ILE A 130 32.47 18.00 8.98
CA ILE A 130 33.50 17.80 9.99
C ILE A 130 32.95 16.99 11.17
N SER A 131 31.64 17.05 11.41
CA SER A 131 31.06 16.36 12.54
C SER A 131 31.07 14.85 12.35
N VAL A 132 30.89 14.36 11.12
CA VAL A 132 30.92 12.92 10.88
C VAL A 132 32.32 12.33 10.94
N CYS A 133 33.35 13.16 11.19
CA CYS A 133 34.71 12.63 11.32
C CYS A 133 34.84 11.68 12.51
N ASP A 134 34.00 11.86 13.53
CA ASP A 134 33.96 10.90 14.64
C ASP A 134 33.59 9.51 14.16
N ALA A 135 32.90 9.40 13.02
CA ALA A 135 32.41 8.11 12.54
C ALA A 135 33.29 7.49 11.47
N VAL A 136 34.17 8.25 10.83
CA VAL A 136 34.97 7.75 9.72
C VAL A 136 36.44 7.53 10.09
N LEU A 137 36.93 8.17 11.14
CA LEU A 137 38.33 8.04 11.55
C LEU A 137 38.41 7.20 12.83
N ASP A 138 39.47 6.40 12.92
CA ASP A 138 39.73 5.65 14.15
C ASP A 138 40.17 6.61 15.25
N HIS A 139 39.82 6.27 16.49
CA HIS A 139 40.11 7.14 17.62
C HIS A 139 41.61 7.36 17.77
N ASN A 140 41.99 8.62 18.01
CA ASN A 140 43.39 8.98 18.10
C ASN A 140 44.02 8.45 19.39
N PRO A 141 45.33 8.28 19.41
CA PRO A 141 46.02 7.95 20.66
C PRO A 141 45.86 9.07 21.67
N PRO A 142 45.98 8.76 22.96
CA PRO A 142 45.86 9.82 23.97
C PRO A 142 47.06 10.73 23.98
N GLY A 143 46.83 11.98 24.39
CA GLY A 143 47.91 12.94 24.51
C GLY A 143 48.38 13.55 23.21
N CYS A 144 47.51 13.61 22.21
CA CYS A 144 47.87 14.24 20.95
C CYS A 144 47.83 15.77 21.06
N THR A 145 48.67 16.42 20.27
CA THR A 145 48.69 17.87 20.13
C THR A 145 48.35 18.22 18.69
N PHE A 146 48.36 19.52 18.39
CA PHE A 146 48.00 19.97 17.04
C PHE A 146 48.79 21.22 16.68
N THR A 147 48.83 21.50 15.39
CA THR A 147 49.37 22.74 14.86
C THR A 147 48.68 23.03 13.55
N VAL A 148 48.88 24.25 13.04
CA VAL A 148 48.29 24.69 11.79
C VAL A 148 49.40 24.94 10.78
N LEU A 149 49.25 24.36 9.60
CA LEU A 149 50.20 24.54 8.50
C LEU A 149 49.55 25.36 7.41
N VAL A 150 50.27 26.35 6.89
CA VAL A 150 49.81 27.22 5.83
C VAL A 150 50.72 27.00 4.62
N HIS A 151 50.16 26.41 3.57
CA HIS A 151 50.89 26.24 2.31
C HIS A 151 50.56 27.43 1.41
N THR A 152 51.52 28.33 1.25
CA THR A 152 51.32 29.54 0.47
C THR A 152 51.58 29.28 -1.00
N ARG A 153 50.93 30.09 -1.85
CA ARG A 153 51.14 30.00 -3.28
C ARG A 153 52.54 30.47 -3.65
N GLU A 154 52.83 31.74 -3.39
CA GLU A 154 54.22 32.19 -3.40
C GLU A 154 54.99 31.49 -2.29
N ALA A 155 56.27 31.25 -2.54
CA ALA A 155 57.14 30.62 -1.54
C ALA A 155 57.06 31.40 -0.23
N ALA A 156 56.98 30.65 0.87
CA ALA A 156 56.54 31.24 2.14
C ALA A 156 57.51 32.30 2.66
N THR A 157 58.80 32.16 2.34
CA THR A 157 59.78 33.11 2.86
C THR A 157 59.62 34.51 2.26
N ARG A 158 59.00 34.60 1.09
CA ARG A 158 58.83 35.91 0.46
C ARG A 158 57.89 36.80 1.26
N ASN A 159 56.79 36.25 1.76
CA ASN A 159 55.77 37.00 2.50
C ASN A 159 55.78 36.69 3.98
N MET A 160 56.99 36.49 4.54
CA MET A 160 57.11 36.26 5.98
C MET A 160 56.75 37.50 6.79
N GLU A 161 57.00 38.69 6.26
CA GLU A 161 56.65 39.92 6.97
C GLU A 161 55.15 40.20 6.98
N LYS A 162 54.39 39.57 6.07
CA LYS A 162 52.94 39.81 6.03
C LYS A 162 52.20 39.18 7.20
N ILE A 163 52.80 38.19 7.87
CA ILE A 163 52.10 37.47 8.93
C ILE A 163 52.54 37.87 10.33
N GLN A 164 53.66 38.58 10.47
CA GLN A 164 54.15 39.02 11.77
C GLN A 164 53.42 40.30 12.21
N VAL A 165 52.10 40.20 12.30
CA VAL A 165 51.28 41.33 12.71
C VAL A 165 51.10 41.39 14.23
N ILE A 166 51.27 40.28 14.93
CA ILE A 166 51.24 40.24 16.39
C ILE A 166 52.68 40.08 16.88
N LYS A 167 53.09 40.92 17.83
CA LYS A 167 54.49 41.01 18.18
C LYS A 167 54.95 39.79 18.99
N ASP A 168 54.09 39.27 19.85
CA ASP A 168 54.43 38.13 20.70
C ASP A 168 53.94 36.80 20.12
N PHE A 169 53.62 36.75 18.84
CA PHE A 169 53.16 35.53 18.18
C PHE A 169 53.93 35.34 16.89
N PRO A 170 55.17 34.84 16.97
CA PRO A 170 55.99 34.67 15.77
C PRO A 170 55.65 33.38 15.02
N TRP A 171 56.00 33.37 13.74
CA TRP A 171 55.76 32.24 12.86
C TRP A 171 57.09 31.67 12.37
N ILE A 172 57.09 30.35 12.16
CA ILE A 172 58.28 29.57 11.83
C ILE A 172 57.97 28.67 10.64
N LEU A 173 59.02 28.25 9.96
CA LEU A 173 58.89 27.21 8.94
C LEU A 173 58.75 25.85 9.62
N ALA A 174 57.74 25.08 9.20
CA ALA A 174 57.63 23.72 9.66
C ALA A 174 58.71 22.85 9.02
N ASP A 175 58.98 21.71 9.65
CA ASP A 175 59.96 20.77 9.13
C ASP A 175 59.30 19.43 8.85
N GLU A 176 60.09 18.53 8.25
CA GLU A 176 59.55 17.29 7.70
C GLU A 176 58.88 16.43 8.75
N GLN A 177 59.35 16.50 10.00
CA GLN A 177 58.75 15.68 11.05
C GLN A 177 57.31 16.10 11.34
N ASP A 178 56.97 17.37 11.10
CA ASP A 178 55.62 17.85 11.36
C ASP A 178 54.67 17.64 10.19
N VAL A 179 55.17 17.28 9.00
CA VAL A 179 54.39 17.32 7.78
C VAL A 179 54.31 15.97 7.09
N HIS A 180 55.41 15.22 7.07
CA HIS A 180 55.48 14.03 6.23
C HIS A 180 54.70 12.87 6.83
N MET A 181 53.91 12.19 6.00
CA MET A 181 53.19 10.98 6.36
C MET A 181 53.41 9.94 5.28
N HIS A 182 53.70 8.70 5.70
CA HIS A 182 54.04 7.63 4.77
C HIS A 182 52.77 7.00 4.22
N ASP A 183 52.52 7.19 2.92
CA ASP A 183 51.36 6.66 2.19
C ASP A 183 50.08 6.77 3.02
N PRO A 184 49.57 7.98 3.23
CA PRO A 184 48.36 8.13 4.05
C PRO A 184 47.09 7.87 3.26
N ARG A 185 46.08 7.40 3.96
CA ARG A 185 44.78 7.18 3.33
C ARG A 185 44.05 8.51 3.16
N LEU A 186 43.44 8.68 1.99
CA LEU A 186 42.78 9.93 1.61
C LEU A 186 41.28 9.80 1.86
N ILE A 187 40.74 10.69 2.68
CA ILE A 187 39.33 10.65 3.06
C ILE A 187 38.65 11.93 2.57
N PRO A 188 37.90 11.86 1.47
CA PRO A 188 37.20 13.05 0.98
C PRO A 188 36.10 13.49 1.94
N LEU A 189 36.00 14.81 2.14
CA LEU A 189 34.98 15.38 3.01
C LEU A 189 34.00 16.28 2.26
N LYS A 190 34.47 17.35 1.62
CA LYS A 190 33.53 18.25 0.96
C LYS A 190 34.23 19.06 -0.12
N THR A 191 33.45 19.41 -1.13
CA THR A 191 33.90 20.26 -2.23
C THR A 191 32.87 21.36 -2.45
N MET A 192 33.33 22.61 -2.56
CA MET A 192 32.47 23.75 -2.79
C MET A 192 32.99 24.57 -3.96
N THR A 193 32.08 24.96 -4.85
CA THR A 193 32.40 25.84 -5.97
C THR A 193 31.46 27.03 -5.94
N SER A 194 32.02 28.23 -6.14
CA SER A 194 31.22 29.45 -6.10
C SER A 194 31.88 30.52 -6.94
N ASP A 195 31.10 31.55 -7.27
CA ASP A 195 31.62 32.70 -8.00
C ASP A 195 32.63 33.48 -7.18
N ILE A 196 32.58 33.37 -5.84
CA ILE A 196 33.50 34.07 -4.98
C ILE A 196 34.52 33.13 -4.34
N LEU A 197 34.19 31.85 -4.16
CA LEU A 197 35.06 30.98 -3.39
C LEU A 197 35.05 29.57 -3.96
N LYS A 198 36.24 28.97 -4.03
CA LYS A 198 36.42 27.56 -4.36
C LYS A 198 37.21 26.93 -3.23
N MET A 199 36.63 25.91 -2.60
CA MET A 199 37.25 25.28 -1.43
C MET A 199 37.00 23.78 -1.46
N GLN A 200 38.04 23.02 -1.14
CA GLN A 200 37.95 21.59 -0.91
C GLN A 200 38.50 21.25 0.46
N LEU A 201 37.96 20.18 1.05
CA LEU A 201 38.35 19.75 2.38
C LEU A 201 38.44 18.23 2.39
N TYR A 202 39.59 17.70 2.77
CA TYR A 202 39.79 16.27 2.86
C TYR A 202 40.73 15.98 4.02
N VAL A 203 40.85 14.68 4.33
CA VAL A 203 41.64 14.22 5.46
C VAL A 203 42.69 13.24 4.96
N GLU A 204 43.92 13.42 5.40
CA GLU A 204 44.99 12.46 5.17
C GLU A 204 45.26 11.74 6.50
N GLU A 205 44.92 10.45 6.55
CA GLU A 205 45.03 9.66 7.77
C GLU A 205 46.12 8.61 7.61
N ARG A 206 46.84 8.36 8.70
CA ARG A 206 47.89 7.35 8.70
C ARG A 206 47.29 5.94 8.57
N ALA A 207 48.10 5.02 8.03
CA ALA A 207 47.65 3.66 7.85
C ALA A 207 47.45 2.92 9.18
N HIS A 208 47.99 3.46 10.27
CA HIS A 208 47.86 2.85 11.60
C HIS A 208 48.30 1.39 11.63
N GLY B 12 -51.34 -1.63 -18.50
CA GLY B 12 -51.80 -2.59 -17.52
C GLY B 12 -51.66 -4.02 -18.00
N GLN B 13 -51.96 -4.22 -19.29
CA GLN B 13 -51.79 -5.53 -19.90
C GLN B 13 -50.33 -5.88 -20.14
N VAL B 14 -49.45 -4.88 -20.14
CA VAL B 14 -48.03 -5.14 -20.44
C VAL B 14 -47.34 -5.76 -19.24
N VAL B 15 -47.65 -5.29 -18.02
CA VAL B 15 -47.02 -5.86 -16.83
C VAL B 15 -47.48 -7.30 -16.62
N ALA B 16 -48.71 -7.61 -17.03
CA ALA B 16 -49.20 -8.98 -16.90
C ALA B 16 -48.53 -9.90 -17.91
N ASP B 17 -48.33 -9.43 -19.15
CA ASP B 17 -47.67 -10.25 -20.16
C ASP B 17 -46.19 -10.40 -19.89
N VAL B 18 -45.55 -9.37 -19.32
CA VAL B 18 -44.13 -9.49 -18.96
C VAL B 18 -43.95 -10.46 -17.80
N LEU B 19 -44.91 -10.49 -16.86
CA LEU B 19 -44.77 -11.38 -15.71
C LEU B 19 -44.97 -12.83 -16.10
N CYS B 20 -45.94 -13.12 -16.98
CA CYS B 20 -46.11 -14.49 -17.45
C CYS B 20 -44.94 -14.94 -18.30
N GLU B 21 -44.34 -14.03 -19.06
CA GLU B 21 -43.13 -14.35 -19.81
C GLU B 21 -41.98 -14.68 -18.85
N PHE B 22 -41.86 -13.91 -17.76
CA PHE B 22 -40.82 -14.18 -16.78
C PHE B 22 -41.05 -15.50 -16.06
N LEU B 23 -42.31 -15.81 -15.72
CA LEU B 23 -42.59 -17.06 -15.05
C LEU B 23 -42.31 -18.26 -15.95
N GLU B 24 -42.37 -18.08 -17.27
CA GLU B 24 -42.07 -19.18 -18.19
C GLU B 24 -40.57 -19.47 -18.20
N VAL B 25 -39.74 -18.44 -18.38
CA VAL B 25 -38.30 -18.65 -18.30
C VAL B 25 -37.88 -19.06 -16.90
N ALA B 26 -38.69 -18.72 -15.89
CA ALA B 26 -38.39 -19.12 -14.52
C ALA B 26 -38.57 -20.61 -14.32
N VAL B 27 -39.72 -21.16 -14.73
CA VAL B 27 -39.97 -22.58 -14.52
C VAL B 27 -39.01 -23.43 -15.34
N HIS B 28 -38.73 -23.02 -16.59
CA HIS B 28 -37.75 -23.73 -17.39
C HIS B 28 -36.39 -23.76 -16.71
N LEU B 29 -35.94 -22.59 -16.23
CA LEU B 29 -34.64 -22.54 -15.56
C LEU B 29 -34.67 -23.27 -14.23
N ILE B 30 -35.81 -23.26 -13.53
CA ILE B 30 -35.91 -23.99 -12.27
C ILE B 30 -35.78 -25.49 -12.52
N LEU B 31 -36.39 -25.99 -13.59
CA LEU B 31 -36.31 -27.42 -13.90
C LEU B 31 -34.91 -27.83 -14.32
N TYR B 32 -34.13 -26.90 -14.87
CA TYR B 32 -32.75 -27.20 -15.22
C TYR B 32 -31.86 -27.24 -13.98
N VAL B 33 -31.95 -26.21 -13.14
CA VAL B 33 -31.04 -26.10 -12.00
C VAL B 33 -31.33 -27.15 -10.94
N ARG B 34 -32.58 -27.60 -10.85
CA ARG B 34 -32.97 -28.56 -9.82
C ARG B 34 -32.96 -30.00 -10.31
N GLU B 35 -32.56 -30.22 -11.57
CA GLU B 35 -32.39 -31.57 -12.11
C GLU B 35 -33.66 -32.42 -12.00
N VAL B 36 -34.83 -31.77 -12.02
CA VAL B 36 -36.07 -32.53 -12.13
C VAL B 36 -36.09 -33.30 -13.45
N TYR B 37 -35.52 -32.71 -14.50
CA TYR B 37 -35.27 -33.35 -15.79
C TYR B 37 -33.77 -33.42 -16.02
N PRO B 38 -33.29 -34.23 -16.97
CA PRO B 38 -31.86 -34.20 -17.32
C PRO B 38 -31.55 -33.02 -18.22
N VAL B 39 -30.29 -32.57 -18.13
CA VAL B 39 -29.87 -31.37 -18.83
C VAL B 39 -29.87 -31.52 -20.35
N GLY B 40 -29.96 -32.75 -20.85
CA GLY B 40 -29.93 -32.96 -22.29
C GLY B 40 -31.12 -32.37 -23.00
N ILE B 41 -32.25 -32.22 -22.30
CA ILE B 41 -33.45 -31.64 -22.91
C ILE B 41 -33.45 -30.12 -22.85
N PHE B 42 -32.42 -29.51 -22.27
CA PHE B 42 -32.33 -28.07 -22.18
C PHE B 42 -31.30 -27.53 -23.18
N GLN B 43 -31.57 -26.34 -23.68
CA GLN B 43 -30.69 -25.64 -24.60
C GLN B 43 -30.35 -24.27 -24.03
N LYS B 44 -29.11 -23.83 -24.23
CA LYS B 44 -28.71 -22.51 -23.78
C LYS B 44 -29.45 -21.44 -24.58
N ARG B 45 -30.10 -20.52 -23.87
CA ARG B 45 -30.79 -19.40 -24.49
C ARG B 45 -30.43 -18.14 -23.70
N LYS B 46 -30.94 -17.00 -24.15
CA LYS B 46 -30.63 -15.70 -23.54
C LYS B 46 -31.93 -14.93 -23.35
N LYS B 47 -32.32 -14.76 -22.08
CA LYS B 47 -33.47 -13.94 -21.73
C LYS B 47 -33.03 -12.90 -20.72
N TYR B 48 -33.47 -11.65 -20.93
CA TYR B 48 -33.12 -10.52 -20.06
C TYR B 48 -31.61 -10.32 -19.98
N ASN B 49 -30.91 -10.58 -21.10
CA ASN B 49 -29.45 -10.52 -21.15
C ASN B 49 -28.81 -11.43 -20.10
N VAL B 50 -29.42 -12.58 -19.87
CA VAL B 50 -28.95 -13.56 -18.90
C VAL B 50 -28.96 -14.93 -19.55
N PRO B 51 -27.89 -15.73 -19.41
CA PRO B 51 -27.91 -17.09 -19.97
C PRO B 51 -28.91 -17.96 -19.23
N VAL B 52 -29.90 -18.47 -19.97
CA VAL B 52 -30.95 -19.29 -19.39
C VAL B 52 -30.94 -20.66 -20.06
N GLN B 53 -31.80 -21.56 -19.59
CA GLN B 53 -31.92 -22.91 -20.12
C GLN B 53 -33.38 -23.16 -20.44
N MET B 54 -33.69 -23.29 -21.73
CA MET B 54 -35.06 -23.52 -22.20
C MET B 54 -35.17 -24.96 -22.69
N SER B 55 -36.21 -25.65 -22.25
CA SER B 55 -36.45 -27.03 -22.67
C SER B 55 -36.96 -27.07 -24.10
N CYS B 56 -36.48 -28.04 -24.86
CA CYS B 56 -36.93 -28.24 -26.24
C CYS B 56 -37.91 -29.39 -26.37
N HIS B 57 -38.30 -30.01 -25.25
CA HIS B 57 -39.33 -31.03 -25.19
C HIS B 57 -40.65 -30.43 -25.62
N PRO B 58 -41.17 -30.79 -26.80
CA PRO B 58 -42.36 -30.09 -27.31
C PRO B 58 -43.59 -30.23 -26.43
N GLU B 59 -43.83 -31.43 -25.89
CA GLU B 59 -45.01 -31.64 -25.05
C GLU B 59 -44.86 -30.96 -23.70
N LEU B 60 -43.65 -30.95 -23.15
CA LEU B 60 -43.40 -30.21 -21.91
C LEU B 60 -43.54 -28.71 -22.13
N ASN B 61 -42.97 -28.20 -23.23
CA ASN B 61 -43.09 -26.78 -23.54
C ASN B 61 -44.55 -26.38 -23.71
N GLN B 62 -45.34 -27.22 -24.41
CA GLN B 62 -46.76 -26.93 -24.54
C GLN B 62 -47.46 -27.01 -23.19
N TYR B 63 -47.03 -27.93 -22.33
CA TYR B 63 -47.58 -28.00 -20.98
C TYR B 63 -47.26 -26.73 -20.20
N ILE B 64 -46.06 -26.19 -20.36
CA ILE B 64 -45.68 -24.97 -19.67
C ILE B 64 -46.50 -23.79 -20.17
N GLN B 65 -46.55 -23.62 -21.50
CA GLN B 65 -47.28 -22.49 -22.07
C GLN B 65 -48.77 -22.59 -21.81
N ASP B 66 -49.32 -23.81 -21.81
CA ASP B 66 -50.74 -23.98 -21.47
C ASP B 66 -51.00 -23.56 -20.03
N THR B 67 -50.12 -23.95 -19.11
CA THR B 67 -50.27 -23.57 -17.71
C THR B 67 -50.26 -22.04 -17.55
N LEU B 68 -49.28 -21.38 -18.15
CA LEU B 68 -49.14 -19.94 -17.96
C LEU B 68 -50.10 -19.13 -18.80
N HIS B 69 -50.51 -19.65 -19.96
CA HIS B 69 -51.60 -19.01 -20.69
C HIS B 69 -52.93 -19.11 -19.94
N CYS B 70 -53.06 -20.10 -19.06
CA CYS B 70 -54.19 -20.15 -18.15
C CYS B 70 -54.03 -19.18 -16.99
N VAL B 71 -52.79 -18.94 -16.56
CA VAL B 71 -52.55 -18.07 -15.42
C VAL B 71 -52.59 -16.60 -15.83
N LYS B 72 -52.26 -16.30 -17.09
CA LYS B 72 -52.16 -14.91 -17.54
C LYS B 72 -53.41 -14.06 -17.30
N PRO B 73 -54.64 -14.53 -17.53
CA PRO B 73 -55.79 -13.65 -17.25
C PRO B 73 -55.92 -13.26 -15.80
N LEU B 74 -55.52 -14.12 -14.86
CA LEU B 74 -55.59 -13.76 -13.45
C LEU B 74 -54.53 -12.72 -13.10
N LEU B 75 -53.37 -12.77 -13.75
CA LEU B 75 -52.35 -11.76 -13.53
C LEU B 75 -52.82 -10.40 -14.03
N GLU B 76 -53.53 -10.39 -15.16
CA GLU B 76 -54.16 -9.16 -15.63
C GLU B 76 -55.17 -8.66 -14.60
N LYS B 77 -55.92 -9.58 -13.99
CA LYS B 77 -56.96 -9.22 -13.04
C LYS B 77 -56.41 -8.93 -11.64
N ASN B 78 -55.18 -9.37 -11.35
CA ASN B 78 -54.57 -9.24 -10.02
C ASN B 78 -55.37 -10.04 -8.98
N ASP B 79 -55.44 -11.35 -9.22
CA ASP B 79 -56.07 -12.30 -8.33
C ASP B 79 -55.11 -13.42 -7.97
N VAL B 80 -53.85 -13.07 -7.76
CA VAL B 80 -52.82 -14.05 -7.42
C VAL B 80 -52.04 -13.54 -6.22
N GLU B 81 -52.00 -14.33 -5.16
CA GLU B 81 -51.17 -14.05 -4.01
C GLU B 81 -49.77 -14.65 -4.18
N LYS B 82 -49.71 -15.96 -4.41
CA LYS B 82 -48.43 -16.65 -4.58
C LYS B 82 -48.55 -17.71 -5.65
N VAL B 83 -47.45 -17.91 -6.37
CA VAL B 83 -47.29 -18.98 -7.34
C VAL B 83 -46.15 -19.87 -6.84
N VAL B 84 -46.46 -21.13 -6.57
CA VAL B 84 -45.51 -22.06 -5.95
C VAL B 84 -45.20 -23.18 -6.93
N VAL B 85 -43.92 -23.38 -7.21
CA VAL B 85 -43.45 -24.53 -7.97
C VAL B 85 -43.06 -25.60 -6.96
N VAL B 86 -43.86 -26.65 -6.87
CA VAL B 86 -43.64 -27.73 -5.91
C VAL B 86 -43.02 -28.91 -6.65
N ILE B 87 -41.89 -29.40 -6.14
CA ILE B 87 -41.27 -30.61 -6.67
C ILE B 87 -41.56 -31.74 -5.68
N LEU B 88 -42.22 -32.78 -6.17
CA LEU B 88 -42.68 -33.89 -5.34
C LEU B 88 -41.80 -35.11 -5.61
N ASP B 89 -41.47 -35.84 -4.54
CA ASP B 89 -40.55 -36.96 -4.66
C ASP B 89 -41.30 -38.19 -5.18
N LYS B 90 -40.68 -39.37 -5.06
CA LYS B 90 -41.27 -40.59 -5.56
C LYS B 90 -42.57 -40.97 -4.85
N GLU B 91 -42.78 -40.45 -3.65
CA GLU B 91 -44.00 -40.72 -2.89
C GLU B 91 -45.02 -39.60 -2.98
N HIS B 92 -44.80 -38.64 -3.90
CA HIS B 92 -45.72 -37.53 -4.13
C HIS B 92 -45.94 -36.71 -2.86
N ARG B 93 -44.84 -36.40 -2.17
CA ARG B 93 -44.88 -35.45 -1.06
C ARG B 93 -43.91 -34.32 -1.32
N PRO B 94 -44.28 -33.08 -0.99
CA PRO B 94 -43.44 -31.93 -1.36
C PRO B 94 -42.11 -31.95 -0.62
N VAL B 95 -41.03 -31.89 -1.40
CA VAL B 95 -39.69 -31.82 -0.84
C VAL B 95 -39.09 -30.41 -0.96
N GLU B 96 -39.42 -29.65 -2.01
CA GLU B 96 -39.03 -28.26 -2.12
C GLU B 96 -40.15 -27.47 -2.79
N LYS B 97 -40.29 -26.22 -2.39
CA LYS B 97 -41.33 -25.33 -2.91
C LYS B 97 -40.71 -23.97 -3.19
N PHE B 98 -40.81 -23.52 -4.44
CA PHE B 98 -40.34 -22.19 -4.84
C PHE B 98 -41.54 -21.25 -4.82
N VAL B 99 -41.64 -20.43 -3.78
CA VAL B 99 -42.81 -19.60 -3.55
C VAL B 99 -42.58 -18.22 -4.14
N PHE B 100 -43.46 -17.79 -5.04
CA PHE B 100 -43.43 -16.46 -5.64
C PHE B 100 -44.57 -15.64 -5.03
N GLU B 101 -44.26 -14.92 -3.96
CA GLU B 101 -45.23 -14.00 -3.39
C GLU B 101 -45.32 -12.75 -4.27
N ILE B 102 -46.54 -12.40 -4.67
CA ILE B 102 -46.76 -11.40 -5.72
C ILE B 102 -47.71 -10.32 -5.21
N THR B 103 -47.39 -9.07 -5.53
CA THR B 103 -48.27 -7.93 -5.33
C THR B 103 -48.14 -7.00 -6.52
N GLN B 104 -49.27 -6.74 -7.19
CA GLN B 104 -49.30 -5.87 -8.36
C GLN B 104 -50.01 -4.57 -7.99
N PRO B 105 -49.27 -3.51 -7.67
CA PRO B 105 -49.91 -2.27 -7.24
C PRO B 105 -50.54 -1.54 -8.41
N PRO B 106 -51.51 -0.66 -8.15
CA PRO B 106 -52.08 0.14 -9.23
C PRO B 106 -51.03 1.05 -9.85
N LEU B 107 -51.33 1.54 -11.05
CA LEU B 107 -50.37 2.28 -11.84
C LEU B 107 -50.98 3.57 -12.38
N LEU B 108 -50.13 4.56 -12.60
CA LEU B 108 -50.51 5.77 -13.32
C LEU B 108 -49.40 6.18 -14.27
N SER B 114 -42.24 7.18 -20.40
CA SER B 114 -42.55 6.04 -19.54
C SER B 114 -42.36 4.73 -20.29
N LEU B 115 -41.24 4.06 -20.03
CA LEU B 115 -40.94 2.75 -20.58
C LEU B 115 -40.94 1.71 -19.46
N LEU B 116 -40.95 0.43 -19.86
CA LEU B 116 -40.93 -0.66 -18.90
C LEU B 116 -39.73 -1.59 -19.10
N SER B 117 -38.70 -1.13 -19.80
CA SER B 117 -37.43 -1.86 -19.79
C SER B 117 -36.84 -1.90 -18.38
N HIS B 118 -37.21 -0.95 -17.53
CA HIS B 118 -36.76 -0.94 -16.14
C HIS B 118 -37.29 -2.16 -15.38
N VAL B 119 -38.53 -2.57 -15.67
CA VAL B 119 -39.09 -3.74 -14.98
C VAL B 119 -38.48 -5.03 -15.50
N GLU B 120 -38.18 -5.10 -16.80
CA GLU B 120 -37.46 -6.26 -17.32
C GLU B 120 -36.08 -6.40 -16.69
N GLN B 121 -35.46 -5.27 -16.29
CA GLN B 121 -34.20 -5.33 -15.58
C GLN B 121 -34.39 -5.56 -14.09
N LEU B 122 -35.58 -5.27 -13.56
CA LEU B 122 -35.87 -5.58 -12.16
C LEU B 122 -36.04 -7.07 -11.96
N LEU B 123 -36.72 -7.75 -12.89
CA LEU B 123 -36.91 -9.19 -12.81
C LEU B 123 -35.62 -9.96 -13.06
N ARG B 124 -34.56 -9.28 -13.51
CA ARG B 124 -33.31 -9.95 -13.82
C ARG B 124 -32.69 -10.58 -12.58
N ALA B 125 -32.81 -9.91 -11.43
CA ALA B 125 -32.19 -10.42 -10.20
C ALA B 125 -32.82 -11.72 -9.73
N PHE B 126 -34.11 -11.92 -10.00
CA PHE B 126 -34.75 -13.18 -9.61
C PHE B 126 -34.20 -14.35 -10.40
N ILE B 127 -33.94 -14.16 -11.69
CA ILE B 127 -33.33 -15.21 -12.49
C ILE B 127 -31.90 -15.46 -12.03
N LEU B 128 -31.17 -14.39 -11.71
CA LEU B 128 -29.80 -14.53 -11.22
C LEU B 128 -29.73 -15.40 -9.96
N LYS B 129 -30.71 -15.27 -9.08
CA LYS B 129 -30.72 -16.06 -7.85
C LYS B 129 -31.16 -17.49 -8.11
N ILE B 130 -32.12 -17.70 -9.01
CA ILE B 130 -32.48 -19.07 -9.38
C ILE B 130 -31.31 -19.78 -10.06
N SER B 131 -30.43 -19.03 -10.73
CA SER B 131 -29.29 -19.64 -11.41
C SER B 131 -28.35 -20.31 -10.43
N VAL B 132 -28.16 -19.70 -9.26
CA VAL B 132 -27.23 -20.22 -8.26
C VAL B 132 -27.96 -20.90 -7.11
N CYS B 133 -29.22 -21.30 -7.31
CA CYS B 133 -29.96 -22.01 -6.28
C CYS B 133 -29.33 -23.35 -5.94
N ASP B 134 -28.57 -23.95 -6.86
CA ASP B 134 -27.96 -25.24 -6.60
C ASP B 134 -26.87 -25.16 -5.53
N ALA B 135 -26.40 -23.97 -5.21
CA ALA B 135 -25.37 -23.80 -4.19
C ALA B 135 -25.92 -23.81 -2.78
N VAL B 136 -27.23 -23.92 -2.61
CA VAL B 136 -27.86 -23.81 -1.30
C VAL B 136 -28.66 -25.05 -0.92
N LEU B 137 -29.01 -25.91 -1.87
CA LEU B 137 -29.90 -27.03 -1.63
C LEU B 137 -29.16 -28.35 -1.74
N ASP B 138 -29.49 -29.28 -0.85
CA ASP B 138 -29.02 -30.65 -0.98
C ASP B 138 -29.65 -31.28 -2.22
N HIS B 139 -28.93 -32.24 -2.81
CA HIS B 139 -29.40 -32.88 -4.04
C HIS B 139 -30.73 -33.58 -3.80
N ASN B 140 -31.68 -33.36 -4.71
CA ASN B 140 -32.98 -33.99 -4.62
C ASN B 140 -32.87 -35.50 -4.83
N PRO B 141 -33.83 -36.27 -4.32
CA PRO B 141 -33.85 -37.69 -4.62
C PRO B 141 -34.14 -37.93 -6.09
N PRO B 142 -33.72 -39.06 -6.65
CA PRO B 142 -34.02 -39.34 -8.05
C PRO B 142 -35.49 -39.63 -8.26
N GLY B 143 -35.95 -39.38 -9.49
CA GLY B 143 -37.32 -39.66 -9.84
C GLY B 143 -38.35 -38.66 -9.34
N CYS B 144 -37.95 -37.40 -9.17
CA CYS B 144 -38.86 -36.37 -8.72
C CYS B 144 -39.66 -35.79 -9.88
N THR B 145 -40.94 -35.52 -9.63
CA THR B 145 -41.81 -34.80 -10.54
C THR B 145 -42.14 -33.44 -9.92
N PHE B 146 -42.99 -32.67 -10.60
CA PHE B 146 -43.31 -31.34 -10.13
C PHE B 146 -44.72 -30.96 -10.55
N THR B 147 -45.18 -29.84 -10.00
CA THR B 147 -46.44 -29.21 -10.39
C THR B 147 -46.42 -27.79 -9.89
N VAL B 148 -47.41 -27.01 -10.31
CA VAL B 148 -47.52 -25.60 -9.95
C VAL B 148 -48.79 -25.39 -9.15
N LEU B 149 -48.67 -24.72 -8.01
CA LEU B 149 -49.80 -24.31 -7.19
C LEU B 149 -49.99 -22.81 -7.31
N VAL B 150 -51.25 -22.38 -7.35
CA VAL B 150 -51.62 -20.98 -7.50
C VAL B 150 -52.56 -20.61 -6.37
N HIS B 151 -52.07 -19.84 -5.41
CA HIS B 151 -52.90 -19.26 -4.36
C HIS B 151 -53.44 -17.94 -4.84
N THR B 152 -54.75 -17.79 -4.85
CA THR B 152 -55.42 -16.63 -5.41
C THR B 152 -55.80 -15.64 -4.31
N ARG B 153 -55.95 -14.37 -4.72
CA ARG B 153 -56.40 -13.34 -3.79
C ARG B 153 -57.83 -13.60 -3.35
N GLU B 154 -58.73 -13.78 -4.30
CA GLU B 154 -60.06 -14.26 -3.99
C GLU B 154 -60.00 -15.75 -3.66
N ALA B 155 -60.89 -16.18 -2.78
CA ALA B 155 -60.98 -17.59 -2.41
C ALA B 155 -61.16 -18.44 -3.67
N ALA B 156 -60.49 -19.60 -3.69
CA ALA B 156 -60.51 -20.43 -4.89
C ALA B 156 -61.88 -21.06 -5.13
N THR B 157 -62.63 -21.34 -4.05
CA THR B 157 -63.86 -22.10 -4.18
C THR B 157 -65.00 -21.30 -4.79
N ARG B 158 -64.96 -19.97 -4.71
CA ARG B 158 -66.02 -19.15 -5.27
C ARG B 158 -66.14 -19.36 -6.78
N ASN B 159 -65.11 -18.97 -7.51
CA ASN B 159 -65.14 -19.02 -8.97
C ASN B 159 -64.10 -20.07 -9.41
N MET B 160 -64.50 -21.33 -9.29
CA MET B 160 -63.69 -22.42 -9.84
C MET B 160 -63.63 -22.35 -11.36
N GLU B 161 -64.58 -21.67 -12.00
CA GLU B 161 -64.70 -21.63 -13.44
C GLU B 161 -63.71 -20.66 -14.09
N LYS B 162 -63.04 -19.82 -13.32
CA LYS B 162 -62.27 -18.71 -13.89
C LYS B 162 -60.87 -19.11 -14.35
N ILE B 163 -60.47 -20.37 -14.19
CA ILE B 163 -59.18 -20.83 -14.66
C ILE B 163 -59.29 -21.75 -15.86
N GLN B 164 -60.49 -22.26 -16.15
CA GLN B 164 -60.69 -23.20 -17.26
C GLN B 164 -60.75 -22.46 -18.59
N VAL B 165 -59.69 -21.70 -18.88
CA VAL B 165 -59.62 -20.95 -20.13
C VAL B 165 -59.20 -21.83 -21.29
N ILE B 166 -58.59 -22.98 -21.03
CA ILE B 166 -58.23 -23.94 -22.06
C ILE B 166 -59.16 -25.14 -21.92
N LYS B 167 -59.69 -25.62 -23.05
CA LYS B 167 -60.70 -26.67 -23.00
C LYS B 167 -60.09 -28.01 -22.56
N ASP B 168 -58.88 -28.32 -23.01
CA ASP B 168 -58.22 -29.58 -22.70
C ASP B 168 -57.07 -29.40 -21.70
N PHE B 169 -57.20 -28.45 -20.78
CA PHE B 169 -56.24 -28.28 -19.69
C PHE B 169 -56.97 -27.78 -18.45
N PRO B 170 -57.64 -28.68 -17.74
CA PRO B 170 -58.44 -28.27 -16.59
C PRO B 170 -57.60 -28.12 -15.33
N TRP B 171 -58.15 -27.33 -14.39
CA TRP B 171 -57.54 -27.07 -13.10
C TRP B 171 -58.47 -27.53 -11.98
N ILE B 172 -57.88 -27.94 -10.85
CA ILE B 172 -58.62 -28.41 -9.69
C ILE B 172 -57.99 -27.83 -8.44
N LEU B 173 -58.69 -27.97 -7.32
CA LEU B 173 -58.10 -27.62 -6.03
C LEU B 173 -57.11 -28.69 -5.59
N ALA B 174 -56.00 -28.23 -5.02
CA ALA B 174 -54.95 -29.15 -4.59
C ALA B 174 -55.30 -29.79 -3.25
N ASP B 175 -54.93 -31.06 -3.11
CA ASP B 175 -55.09 -31.75 -1.84
C ASP B 175 -54.05 -31.27 -0.84
N GLU B 176 -54.33 -31.52 0.44
CA GLU B 176 -53.44 -31.05 1.49
C GLU B 176 -52.09 -31.75 1.43
N GLN B 177 -52.07 -32.99 0.94
CA GLN B 177 -50.84 -33.77 0.91
C GLN B 177 -49.80 -33.18 -0.05
N ASP B 178 -50.22 -32.38 -1.02
CA ASP B 178 -49.29 -31.79 -1.97
C ASP B 178 -48.64 -30.51 -1.46
N VAL B 179 -49.14 -29.96 -0.35
CA VAL B 179 -48.70 -28.65 0.14
C VAL B 179 -48.03 -28.75 1.51
N HIS B 180 -48.50 -29.66 2.36
CA HIS B 180 -47.98 -29.73 3.72
C HIS B 180 -46.54 -30.23 3.75
N MET B 181 -45.70 -29.55 4.55
CA MET B 181 -44.29 -29.92 4.71
C MET B 181 -43.94 -29.84 6.18
N HIS B 182 -43.52 -30.96 6.77
CA HIS B 182 -43.20 -30.98 8.19
C HIS B 182 -41.80 -30.43 8.43
N ASP B 183 -41.70 -29.43 9.31
CA ASP B 183 -40.47 -28.75 9.69
C ASP B 183 -39.60 -28.45 8.45
N PRO B 184 -40.09 -27.60 7.54
CA PRO B 184 -39.31 -27.29 6.35
C PRO B 184 -38.23 -26.24 6.61
N ARG B 185 -37.29 -26.17 5.67
CA ARG B 185 -36.24 -25.17 5.68
C ARG B 185 -36.63 -24.05 4.71
N LEU B 186 -36.69 -22.82 5.19
CA LEU B 186 -37.01 -21.67 4.35
C LEU B 186 -35.71 -21.05 3.89
N ILE B 187 -35.53 -20.94 2.59
CA ILE B 187 -34.32 -20.37 2.01
C ILE B 187 -34.68 -19.08 1.28
N PRO B 188 -34.41 -17.92 1.86
CA PRO B 188 -34.71 -16.66 1.16
C PRO B 188 -33.90 -16.53 -0.12
N LEU B 189 -34.53 -16.01 -1.16
CA LEU B 189 -33.85 -15.78 -2.43
C LEU B 189 -33.85 -14.31 -2.82
N LYS B 190 -35.01 -13.68 -2.93
CA LYS B 190 -35.01 -12.28 -3.34
C LYS B 190 -36.29 -11.59 -2.90
N THR B 191 -36.16 -10.33 -2.50
CA THR B 191 -37.26 -9.43 -2.25
C THR B 191 -37.09 -8.19 -3.11
N MET B 192 -38.17 -7.74 -3.72
CA MET B 192 -38.16 -6.54 -4.55
C MET B 192 -39.40 -5.72 -4.27
N THR B 193 -39.21 -4.42 -4.10
CA THR B 193 -40.31 -3.46 -3.97
C THR B 193 -40.16 -2.42 -5.06
N SER B 194 -41.26 -2.16 -5.78
CA SER B 194 -41.26 -1.17 -6.84
C SER B 194 -42.59 -0.42 -6.80
N ASP B 195 -42.65 0.65 -7.59
CA ASP B 195 -43.89 1.39 -7.76
C ASP B 195 -44.89 0.66 -8.65
N ILE B 196 -44.45 -0.34 -9.40
CA ILE B 196 -45.33 -1.08 -10.30
C ILE B 196 -45.37 -2.57 -9.98
N LEU B 197 -44.49 -3.09 -9.11
CA LEU B 197 -44.48 -4.51 -8.82
C LEU B 197 -43.79 -4.75 -7.48
N LYS B 198 -44.37 -5.65 -6.69
CA LYS B 198 -43.77 -6.12 -5.45
C LYS B 198 -43.71 -7.65 -5.51
N MET B 199 -42.54 -8.21 -5.23
CA MET B 199 -42.34 -9.64 -5.38
C MET B 199 -41.35 -10.15 -4.35
N GLN B 200 -41.63 -11.34 -3.81
CA GLN B 200 -40.71 -12.08 -2.96
C GLN B 200 -40.60 -13.51 -3.48
N LEU B 201 -39.44 -14.11 -3.25
CA LEU B 201 -39.15 -15.47 -3.70
C LEU B 201 -38.33 -16.17 -2.63
N TYR B 202 -38.82 -17.31 -2.16
CA TYR B 202 -38.10 -18.11 -1.18
C TYR B 202 -38.35 -19.59 -1.47
N VAL B 203 -37.57 -20.43 -0.80
CA VAL B 203 -37.58 -21.87 -1.02
C VAL B 203 -37.90 -22.56 0.30
N GLU B 204 -38.95 -23.39 0.29
CA GLU B 204 -39.24 -24.27 1.42
C GLU B 204 -38.62 -25.63 1.14
N GLU B 205 -37.66 -26.04 1.98
CA GLU B 205 -36.91 -27.26 1.77
C GLU B 205 -37.16 -28.25 2.91
N ARG B 206 -37.28 -29.53 2.56
CA ARG B 206 -37.34 -30.58 3.56
C ARG B 206 -36.02 -30.67 4.33
N ALA B 207 -36.12 -30.87 5.64
CA ALA B 207 -34.92 -31.00 6.45
C ALA B 207 -34.16 -32.29 6.19
N HIS B 208 -34.82 -33.30 5.64
CA HIS B 208 -34.21 -34.59 5.33
C HIS B 208 -33.55 -35.24 6.56
N GLY C 12 3.98 -26.29 5.89
CA GLY C 12 3.51 -25.14 6.63
C GLY C 12 2.03 -25.17 6.87
N GLN C 13 1.44 -24.00 7.13
CA GLN C 13 0.01 -23.89 7.38
C GLN C 13 -0.70 -23.56 6.07
N VAL C 14 -1.42 -24.55 5.53
CA VAL C 14 -2.04 -24.43 4.22
C VAL C 14 -3.47 -23.90 4.29
N VAL C 15 -3.99 -23.62 5.49
CA VAL C 15 -5.36 -23.12 5.60
C VAL C 15 -5.49 -21.76 4.92
N ALA C 16 -4.43 -20.95 4.95
CA ALA C 16 -4.46 -19.66 4.27
C ALA C 16 -4.55 -19.83 2.76
N ASP C 17 -4.08 -20.96 2.25
CA ASP C 17 -4.14 -21.22 0.81
C ASP C 17 -5.53 -21.60 0.34
N VAL C 18 -6.42 -22.00 1.24
CA VAL C 18 -7.76 -22.45 0.86
C VAL C 18 -8.79 -21.38 1.14
N LEU C 19 -8.52 -20.49 2.10
CA LEU C 19 -9.45 -19.42 2.40
C LEU C 19 -9.57 -18.47 1.22
N CYS C 20 -8.45 -17.90 0.78
CA CYS C 20 -8.44 -17.08 -0.42
C CYS C 20 -8.93 -17.85 -1.64
N GLU C 21 -8.83 -19.18 -1.63
CA GLU C 21 -9.28 -19.98 -2.76
C GLU C 21 -10.77 -19.78 -3.01
N PHE C 22 -11.60 -19.83 -1.96
CA PHE C 22 -13.02 -19.55 -2.12
C PHE C 22 -13.37 -18.12 -1.74
N LEU C 23 -12.41 -17.33 -1.25
CA LEU C 23 -12.59 -15.88 -1.25
C LEU C 23 -12.73 -15.37 -2.69
N GLU C 24 -11.94 -15.94 -3.61
CA GLU C 24 -12.12 -15.68 -5.03
C GLU C 24 -13.54 -16.01 -5.47
N VAL C 25 -14.17 -17.02 -4.87
CA VAL C 25 -15.54 -17.36 -5.19
C VAL C 25 -16.49 -16.27 -4.73
N ALA C 26 -16.29 -15.76 -3.51
CA ALA C 26 -17.25 -14.84 -2.91
C ALA C 26 -17.38 -13.56 -3.72
N VAL C 27 -16.25 -12.93 -4.07
CA VAL C 27 -16.29 -11.71 -4.88
C VAL C 27 -16.92 -12.00 -6.24
N HIS C 28 -16.55 -13.12 -6.86
CA HIS C 28 -17.17 -13.53 -8.11
C HIS C 28 -18.68 -13.65 -7.96
N LEU C 29 -19.13 -14.21 -6.82
CA LEU C 29 -20.56 -14.27 -6.55
C LEU C 29 -21.16 -12.87 -6.43
N ILE C 30 -20.52 -12.01 -5.63
CA ILE C 30 -21.06 -10.67 -5.40
C ILE C 30 -21.23 -9.92 -6.70
N LEU C 31 -20.20 -9.91 -7.55
CA LEU C 31 -20.29 -9.22 -8.83
C LEU C 31 -21.37 -9.83 -9.71
N TYR C 32 -21.52 -11.16 -9.64
CA TYR C 32 -22.59 -11.82 -10.38
C TYR C 32 -23.96 -11.49 -9.80
N VAL C 33 -24.04 -11.41 -8.48
CA VAL C 33 -25.34 -11.24 -7.82
C VAL C 33 -25.73 -9.77 -7.69
N ARG C 34 -24.77 -8.87 -7.48
CA ARG C 34 -25.09 -7.45 -7.40
C ARG C 34 -25.26 -6.80 -8.77
N GLU C 35 -25.40 -7.61 -9.82
CA GLU C 35 -25.63 -7.18 -11.20
C GLU C 35 -24.98 -5.85 -11.55
N VAL C 36 -23.66 -5.78 -11.38
CA VAL C 36 -22.93 -4.56 -11.71
C VAL C 36 -22.99 -4.27 -13.21
N TYR C 37 -23.16 -5.31 -14.02
CA TYR C 37 -23.19 -5.17 -15.46
C TYR C 37 -23.78 -6.45 -16.05
N PRO C 38 -24.01 -6.50 -17.37
CA PRO C 38 -24.42 -7.77 -17.99
C PRO C 38 -23.46 -8.91 -17.64
N VAL C 39 -23.98 -9.92 -16.94
CA VAL C 39 -23.15 -10.99 -16.39
C VAL C 39 -23.01 -12.13 -17.39
N GLY C 40 -23.29 -11.85 -18.66
CA GLY C 40 -23.11 -12.84 -19.71
C GLY C 40 -21.69 -13.37 -19.79
N ILE C 41 -20.73 -12.67 -19.19
CA ILE C 41 -19.36 -13.14 -19.14
C ILE C 41 -19.18 -14.30 -18.18
N PHE C 42 -20.14 -14.51 -17.27
CA PHE C 42 -20.00 -15.54 -16.25
C PHE C 42 -20.32 -16.92 -16.81
N GLN C 43 -19.60 -17.92 -16.30
CA GLN C 43 -19.83 -19.32 -16.61
C GLN C 43 -19.83 -20.14 -15.33
N LYS C 44 -20.62 -21.21 -15.33
CA LYS C 44 -20.76 -22.07 -14.17
C LYS C 44 -19.63 -23.08 -14.14
N ARG C 45 -18.90 -23.12 -13.03
CA ARG C 45 -17.82 -24.09 -12.84
C ARG C 45 -17.89 -24.64 -11.42
N LYS C 46 -17.48 -25.90 -11.28
CA LYS C 46 -17.59 -26.63 -10.02
C LYS C 46 -16.26 -26.59 -9.27
N LYS C 47 -16.32 -26.25 -7.99
CA LYS C 47 -15.18 -26.36 -7.09
C LYS C 47 -15.69 -26.93 -5.77
N TYR C 48 -15.05 -28.00 -5.29
CA TYR C 48 -15.52 -28.76 -4.13
C TYR C 48 -16.91 -29.33 -4.36
N ASN C 49 -17.19 -29.66 -5.63
CA ASN C 49 -18.48 -30.19 -6.08
C ASN C 49 -19.64 -29.24 -5.78
N VAL C 50 -19.36 -27.95 -5.61
CA VAL C 50 -20.42 -26.95 -5.55
C VAL C 50 -20.23 -26.01 -6.72
N PRO C 51 -21.31 -25.52 -7.34
CA PRO C 51 -21.17 -24.65 -8.51
C PRO C 51 -21.07 -23.18 -8.14
N VAL C 52 -20.18 -22.48 -8.84
CA VAL C 52 -20.00 -21.04 -8.68
C VAL C 52 -20.02 -20.41 -10.07
N GLN C 53 -20.61 -19.22 -10.17
CA GLN C 53 -20.53 -18.42 -11.39
C GLN C 53 -19.22 -17.65 -11.39
N MET C 54 -18.29 -18.06 -12.24
CA MET C 54 -17.01 -17.39 -12.37
C MET C 54 -17.00 -16.54 -13.64
N SER C 55 -16.46 -15.33 -13.52
CA SER C 55 -16.35 -14.45 -14.67
C SER C 55 -15.29 -14.97 -15.64
N CYS C 56 -15.64 -15.04 -16.92
CA CYS C 56 -14.69 -15.39 -17.96
C CYS C 56 -13.97 -14.16 -18.51
N HIS C 57 -14.07 -13.03 -17.83
CA HIS C 57 -13.38 -11.82 -18.27
C HIS C 57 -11.93 -11.90 -17.84
N PRO C 58 -10.96 -11.84 -18.77
CA PRO C 58 -9.56 -12.04 -18.37
C PRO C 58 -9.03 -10.99 -17.43
N GLU C 59 -9.44 -9.73 -17.60
CA GLU C 59 -8.92 -8.67 -16.76
C GLU C 59 -9.48 -8.76 -15.34
N LEU C 60 -10.74 -9.18 -15.20
CA LEU C 60 -11.30 -9.39 -13.88
C LEU C 60 -10.56 -10.48 -13.12
N ASN C 61 -10.38 -11.63 -13.76
CA ASN C 61 -9.67 -12.73 -13.12
C ASN C 61 -8.23 -12.34 -12.79
N GLN C 62 -7.57 -11.63 -13.70
CA GLN C 62 -6.20 -11.19 -13.45
C GLN C 62 -6.14 -10.22 -12.27
N TYR C 63 -7.11 -9.32 -12.18
CA TYR C 63 -7.15 -8.37 -11.07
C TYR C 63 -7.41 -9.09 -9.75
N ILE C 64 -8.34 -10.05 -9.74
CA ILE C 64 -8.65 -10.78 -8.51
C ILE C 64 -7.49 -11.68 -8.12
N GLN C 65 -6.81 -12.27 -9.11
CA GLN C 65 -5.69 -13.16 -8.81
C GLN C 65 -4.50 -12.38 -8.26
N ASP C 66 -4.18 -11.22 -8.87
CA ASP C 66 -3.17 -10.35 -8.28
C ASP C 66 -3.57 -9.90 -6.89
N THR C 67 -4.87 -9.69 -6.67
CA THR C 67 -5.37 -9.31 -5.36
C THR C 67 -5.09 -10.41 -4.33
N LEU C 68 -5.48 -11.65 -4.63
CA LEU C 68 -5.31 -12.72 -3.66
C LEU C 68 -3.85 -13.15 -3.53
N HIS C 69 -3.07 -13.01 -4.60
CA HIS C 69 -1.64 -13.32 -4.50
C HIS C 69 -0.92 -12.36 -3.56
N CYS C 70 -1.35 -11.09 -3.53
CA CYS C 70 -0.76 -10.13 -2.62
C CYS C 70 -1.25 -10.31 -1.19
N VAL C 71 -2.46 -10.83 -1.01
CA VAL C 71 -3.03 -10.99 0.33
C VAL C 71 -2.69 -12.33 0.95
N LYS C 72 -2.29 -13.32 0.15
CA LYS C 72 -2.15 -14.69 0.66
C LYS C 72 -1.17 -14.81 1.83
N PRO C 73 0.06 -14.27 1.78
CA PRO C 73 0.95 -14.42 2.94
C PRO C 73 0.43 -13.75 4.19
N LEU C 74 -0.34 -12.65 4.04
CA LEU C 74 -0.97 -12.04 5.20
C LEU C 74 -1.89 -13.03 5.92
N LEU C 75 -2.61 -13.84 5.15
CA LEU C 75 -3.38 -14.93 5.74
C LEU C 75 -2.47 -15.96 6.38
N GLU C 76 -1.30 -16.20 5.77
CA GLU C 76 -0.38 -17.22 6.29
C GLU C 76 0.26 -16.78 7.60
N LYS C 77 0.39 -15.48 7.83
CA LYS C 77 1.02 -14.95 9.03
C LYS C 77 0.01 -14.50 10.08
N ASN C 78 -1.27 -14.81 9.87
CA ASN C 78 -2.34 -14.43 10.80
C ASN C 78 -2.36 -12.92 11.06
N ASP C 79 -2.02 -12.16 10.03
CA ASP C 79 -2.18 -10.72 10.07
C ASP C 79 -3.28 -10.34 9.07
N VAL C 80 -4.50 -10.71 9.41
CA VAL C 80 -5.69 -10.40 8.62
C VAL C 80 -6.86 -10.20 9.57
N GLU C 81 -7.34 -8.96 9.70
CA GLU C 81 -8.46 -8.68 10.58
C GLU C 81 -9.79 -8.71 9.82
N LYS C 82 -9.88 -7.96 8.73
CA LYS C 82 -11.10 -7.87 7.93
C LYS C 82 -10.74 -7.89 6.45
N VAL C 83 -11.68 -8.37 5.64
CA VAL C 83 -11.60 -8.27 4.19
C VAL C 83 -12.92 -7.68 3.70
N VAL C 84 -12.85 -6.54 3.03
CA VAL C 84 -14.03 -5.75 2.69
C VAL C 84 -14.14 -5.65 1.17
N VAL C 85 -15.38 -5.79 0.68
CA VAL C 85 -15.71 -5.55 -0.73
C VAL C 85 -16.61 -4.32 -0.77
N VAL C 86 -16.14 -3.27 -1.41
CA VAL C 86 -16.85 -1.99 -1.46
C VAL C 86 -17.34 -1.75 -2.88
N ILE C 87 -18.60 -1.35 -3.01
CA ILE C 87 -19.19 -1.01 -4.30
C ILE C 87 -19.28 0.51 -4.37
N LEU C 88 -18.73 1.08 -5.44
CA LEU C 88 -18.69 2.52 -5.64
C LEU C 88 -19.65 2.90 -6.75
N ASP C 89 -20.46 3.93 -6.51
CA ASP C 89 -21.42 4.40 -7.50
C ASP C 89 -20.69 5.18 -8.59
N LYS C 90 -21.44 5.82 -9.48
CA LYS C 90 -20.82 6.63 -10.51
C LYS C 90 -20.19 7.90 -9.93
N GLU C 91 -20.62 8.33 -8.76
CA GLU C 91 -19.98 9.40 -8.01
C GLU C 91 -18.77 8.92 -7.22
N HIS C 92 -18.39 7.66 -7.37
CA HIS C 92 -17.29 7.06 -6.62
C HIS C 92 -17.52 7.17 -5.12
N ARG C 93 -18.78 6.99 -4.71
CA ARG C 93 -19.25 6.95 -3.33
C ARG C 93 -19.67 5.54 -2.96
N PRO C 94 -19.35 5.07 -1.74
CA PRO C 94 -19.70 3.71 -1.37
C PRO C 94 -21.21 3.54 -1.22
N VAL C 95 -21.71 2.40 -1.72
CA VAL C 95 -23.14 2.11 -1.64
C VAL C 95 -23.37 0.82 -0.86
N GLU C 96 -22.44 -0.13 -0.99
CA GLU C 96 -22.57 -1.42 -0.32
C GLU C 96 -21.20 -1.91 0.13
N LYS C 97 -21.13 -2.41 1.35
CA LYS C 97 -19.89 -2.91 1.94
C LYS C 97 -20.13 -4.32 2.48
N PHE C 98 -19.40 -5.29 1.94
CA PHE C 98 -19.44 -6.67 2.41
C PHE C 98 -18.18 -6.90 3.24
N VAL C 99 -18.33 -6.93 4.56
CA VAL C 99 -17.22 -7.08 5.49
C VAL C 99 -17.09 -8.54 5.87
N PHE C 100 -15.87 -9.07 5.82
CA PHE C 100 -15.58 -10.46 6.17
C PHE C 100 -14.62 -10.46 7.38
N GLU C 101 -15.16 -10.66 8.57
CA GLU C 101 -14.31 -10.76 9.76
C GLU C 101 -13.74 -12.17 9.88
N ILE C 102 -12.48 -12.25 10.28
CA ILE C 102 -11.77 -13.52 10.37
C ILE C 102 -10.98 -13.54 11.67
N THR C 103 -11.16 -14.62 12.45
CA THR C 103 -10.39 -14.84 13.66
C THR C 103 -9.87 -16.27 13.65
N GLN C 104 -8.54 -16.41 13.69
CA GLN C 104 -7.94 -17.73 13.69
C GLN C 104 -8.19 -18.42 15.02
N PRO C 105 -8.09 -19.75 15.06
CA PRO C 105 -8.39 -20.50 16.28
C PRO C 105 -7.60 -20.00 17.47
N PRO C 106 -8.31 -19.48 18.50
CA PRO C 106 -7.68 -18.97 19.73
C PRO C 106 -7.17 -20.08 20.63
N SER C 111 -3.53 -25.30 18.24
CA SER C 111 -4.60 -26.17 17.79
C SER C 111 -4.48 -26.41 16.29
N SER C 112 -3.51 -27.21 15.88
CA SER C 112 -3.27 -27.52 14.47
C SER C 112 -3.65 -28.97 14.20
N ASP C 113 -4.44 -29.18 13.16
CA ASP C 113 -4.79 -30.51 12.68
C ASP C 113 -4.45 -30.63 11.21
N SER C 114 -4.58 -31.84 10.66
CA SER C 114 -4.17 -32.13 9.29
C SER C 114 -5.34 -32.16 8.33
N LEU C 115 -6.28 -33.10 8.52
CA LEU C 115 -7.34 -33.35 7.56
C LEU C 115 -8.63 -32.65 8.01
N LEU C 116 -9.14 -31.78 7.14
CA LEU C 116 -10.44 -31.16 7.35
C LEU C 116 -11.17 -30.97 6.01
N SER C 117 -10.85 -31.81 5.02
CA SER C 117 -11.62 -31.81 3.78
C SER C 117 -12.96 -32.52 3.94
N HIS C 118 -13.08 -33.38 4.96
CA HIS C 118 -14.37 -34.02 5.23
C HIS C 118 -15.44 -32.99 5.57
N VAL C 119 -15.05 -31.88 6.19
CA VAL C 119 -15.98 -30.78 6.39
C VAL C 119 -15.85 -29.80 5.22
N GLU C 120 -16.50 -30.12 4.10
CA GLU C 120 -16.59 -29.23 2.95
C GLU C 120 -17.84 -28.35 3.01
N GLN C 121 -18.86 -28.77 3.75
CA GLN C 121 -20.12 -28.03 3.82
C GLN C 121 -19.94 -26.62 4.37
N LEU C 122 -18.81 -26.33 5.04
CA LEU C 122 -18.55 -24.98 5.49
C LEU C 122 -18.54 -24.00 4.32
N LEU C 123 -17.90 -24.38 3.22
CA LEU C 123 -17.90 -23.54 2.02
C LEU C 123 -19.30 -23.41 1.46
N ARG C 124 -20.10 -24.48 1.50
CA ARG C 124 -21.46 -24.43 1.00
C ARG C 124 -22.33 -23.51 1.84
N ALA C 125 -22.26 -23.65 3.17
CA ALA C 125 -23.00 -22.74 4.05
C ALA C 125 -22.49 -21.32 3.92
N PHE C 126 -21.20 -21.15 3.66
CA PHE C 126 -20.64 -19.84 3.37
C PHE C 126 -21.37 -19.19 2.18
N ILE C 127 -21.60 -19.97 1.12
CA ILE C 127 -22.29 -19.45 -0.05
C ILE C 127 -23.73 -19.12 0.27
N LEU C 128 -24.39 -19.97 1.08
CA LEU C 128 -25.78 -19.72 1.42
C LEU C 128 -25.93 -18.51 2.33
N LYS C 129 -24.90 -18.20 3.12
CA LYS C 129 -24.97 -17.03 3.99
C LYS C 129 -24.91 -15.74 3.18
N ILE C 130 -24.07 -15.69 2.14
CA ILE C 130 -24.08 -14.55 1.23
C ILE C 130 -25.39 -14.49 0.47
N SER C 131 -25.93 -15.65 0.08
CA SER C 131 -27.16 -15.69 -0.69
C SER C 131 -28.32 -15.08 0.09
N VAL C 132 -28.46 -15.46 1.36
CA VAL C 132 -29.57 -14.94 2.17
C VAL C 132 -29.33 -13.49 2.54
N CYS C 133 -28.08 -13.08 2.74
CA CYS C 133 -27.80 -11.68 3.03
C CYS C 133 -28.10 -10.78 1.84
N ASP C 134 -27.92 -11.30 0.62
CA ASP C 134 -28.28 -10.56 -0.58
C ASP C 134 -29.76 -10.62 -0.89
N ALA C 135 -30.47 -11.60 -0.35
CA ALA C 135 -31.88 -11.82 -0.68
C ALA C 135 -32.75 -10.60 -0.38
N VAL C 136 -32.25 -9.63 0.39
CA VAL C 136 -33.12 -8.60 0.93
C VAL C 136 -32.74 -7.21 0.44
N LEU C 137 -31.47 -7.01 0.08
CA LEU C 137 -31.01 -5.67 -0.27
C LEU C 137 -31.70 -5.17 -1.53
N ASP C 138 -31.79 -3.85 -1.64
CA ASP C 138 -32.42 -3.21 -2.79
C ASP C 138 -31.47 -3.23 -3.98
N HIS C 139 -32.01 -2.85 -5.14
CA HIS C 139 -31.24 -2.85 -6.37
C HIS C 139 -30.29 -1.65 -6.41
N ASN C 140 -29.06 -1.89 -6.88
CA ASN C 140 -28.04 -0.86 -6.91
C ASN C 140 -28.25 0.12 -8.07
N PRO C 141 -27.75 1.34 -7.94
CA PRO C 141 -27.78 2.29 -9.07
C PRO C 141 -26.93 1.77 -10.22
N PRO C 142 -27.16 2.27 -11.43
CA PRO C 142 -26.39 1.78 -12.58
C PRO C 142 -24.99 2.38 -12.63
N GLY C 143 -24.13 1.72 -13.41
CA GLY C 143 -22.78 2.22 -13.63
C GLY C 143 -21.85 2.06 -12.46
N CYS C 144 -22.17 1.21 -11.49
CA CYS C 144 -21.34 1.03 -10.32
C CYS C 144 -20.13 0.16 -10.63
N THR C 145 -19.04 0.43 -9.93
CA THR C 145 -17.83 -0.40 -9.94
C THR C 145 -17.52 -0.80 -8.50
N PHE C 146 -16.34 -1.40 -8.29
CA PHE C 146 -16.01 -1.93 -6.98
C PHE C 146 -14.50 -1.91 -6.76
N THR C 147 -14.11 -2.18 -5.52
CA THR C 147 -12.71 -2.34 -5.15
C THR C 147 -12.66 -3.18 -3.87
N VAL C 148 -11.46 -3.57 -3.49
CA VAL C 148 -11.24 -4.48 -2.36
C VAL C 148 -10.39 -3.79 -1.31
N LEU C 149 -10.71 -4.06 -0.04
CA LEU C 149 -9.95 -3.55 1.09
C LEU C 149 -9.57 -4.72 2.01
N VAL C 150 -8.45 -4.57 2.70
CA VAL C 150 -7.98 -5.56 3.67
C VAL C 150 -7.54 -4.84 4.93
N HIS C 151 -8.06 -5.27 6.07
CA HIS C 151 -7.65 -4.76 7.37
C HIS C 151 -6.91 -5.83 8.14
N THR C 152 -5.94 -5.41 8.94
CA THR C 152 -5.05 -6.31 9.66
C THR C 152 -4.89 -5.80 11.10
N ARG C 153 -4.10 -6.54 11.88
CA ARG C 153 -3.78 -6.11 13.24
C ARG C 153 -2.90 -4.87 13.21
N LYS C 190 -5.73 -36.67 17.23
CA LYS C 190 -5.42 -35.43 16.54
C LYS C 190 -6.46 -34.36 16.86
N THR C 191 -6.99 -34.45 18.08
CA THR C 191 -7.95 -33.54 18.72
C THR C 191 -9.22 -33.29 17.90
N MET C 192 -10.31 -32.93 18.57
CA MET C 192 -11.62 -32.95 17.96
C MET C 192 -12.39 -31.68 18.27
N THR C 193 -13.42 -31.46 17.45
CA THR C 193 -14.42 -30.41 17.65
C THR C 193 -15.76 -30.95 17.19
N SER C 194 -16.82 -30.28 17.64
CA SER C 194 -18.14 -30.59 17.08
C SER C 194 -18.29 -29.99 15.70
N ASP C 195 -18.03 -28.68 15.59
CA ASP C 195 -17.98 -27.95 14.32
C ASP C 195 -17.57 -26.52 14.65
N ILE C 196 -17.02 -25.83 13.66
CA ILE C 196 -16.59 -24.44 13.82
C ILE C 196 -16.72 -23.72 12.49
N LEU C 197 -16.90 -22.41 12.57
CA LEU C 197 -16.93 -21.53 11.40
C LEU C 197 -15.80 -20.53 11.56
N LYS C 198 -14.70 -20.74 10.83
CA LYS C 198 -13.51 -19.92 10.99
C LYS C 198 -13.75 -18.47 10.59
N MET C 199 -14.77 -18.21 9.77
CA MET C 199 -15.00 -16.87 9.24
C MET C 199 -16.49 -16.53 9.34
N GLN C 200 -16.77 -15.23 9.31
CA GLN C 200 -18.13 -14.72 9.35
C GLN C 200 -18.15 -13.35 8.68
N LEU C 201 -19.35 -12.89 8.34
CA LEU C 201 -19.49 -11.64 7.61
C LEU C 201 -20.70 -10.85 8.09
N TYR C 202 -20.73 -9.59 7.72
CA TYR C 202 -21.92 -8.74 7.83
C TYR C 202 -21.84 -7.68 6.74
N VAL C 203 -23.00 -7.07 6.45
CA VAL C 203 -23.16 -6.19 5.30
C VAL C 203 -23.63 -4.82 5.77
N GLU C 204 -23.13 -3.77 5.13
CA GLU C 204 -23.59 -2.40 5.33
C GLU C 204 -24.17 -1.89 4.03
N GLU C 205 -25.41 -1.41 4.08
CA GLU C 205 -26.10 -0.85 2.94
C GLU C 205 -26.30 0.66 3.12
N ARG C 206 -26.31 1.39 2.01
CA ARG C 206 -26.47 2.83 2.05
C ARG C 206 -27.95 3.20 1.98
N ALA C 207 -28.28 4.36 2.56
CA ALA C 207 -29.65 4.84 2.53
C ALA C 207 -30.11 5.11 1.10
N HIS C 208 -29.40 6.00 0.41
CA HIS C 208 -29.69 6.33 -0.99
C HIS C 208 -31.12 6.82 -1.19
N GLY D 12 15.36 -17.95 13.21
CA GLY D 12 15.28 -17.63 11.79
C GLY D 12 16.50 -16.89 11.28
N GLN D 13 16.34 -16.18 10.17
CA GLN D 13 17.42 -15.42 9.56
C GLN D 13 17.39 -14.00 10.14
N VAL D 14 18.36 -13.69 11.00
CA VAL D 14 18.38 -12.42 11.72
C VAL D 14 19.18 -11.35 10.98
N VAL D 15 19.75 -11.67 9.82
CA VAL D 15 20.57 -10.68 9.11
C VAL D 15 19.70 -9.53 8.62
N ALA D 16 18.46 -9.81 8.23
CA ALA D 16 17.54 -8.75 7.83
C ALA D 16 17.18 -7.83 8.99
N ASP D 17 17.34 -8.31 10.23
CA ASP D 17 17.03 -7.49 11.39
C ASP D 17 18.10 -6.44 11.66
N VAL D 18 19.30 -6.59 11.10
CA VAL D 18 20.39 -5.67 11.39
C VAL D 18 20.60 -4.71 10.24
N LEU D 19 20.20 -5.10 9.02
CA LEU D 19 20.38 -4.22 7.87
C LEU D 19 19.49 -2.99 7.99
N CYS D 20 18.19 -3.21 8.17
CA CYS D 20 17.28 -2.09 8.43
C CYS D 20 17.68 -1.35 9.69
N GLU D 21 18.35 -2.01 10.63
CA GLU D 21 18.78 -1.36 11.86
C GLU D 21 19.73 -0.21 11.56
N PHE D 22 20.72 -0.44 10.68
CA PHE D 22 21.60 0.65 10.28
C PHE D 22 21.11 1.37 9.03
N LEU D 23 20.10 0.84 8.34
CA LEU D 23 19.44 1.62 7.30
C LEU D 23 18.80 2.87 7.89
N GLU D 24 18.22 2.75 9.08
CA GLU D 24 17.74 3.93 9.80
C GLU D 24 18.87 4.93 10.03
N VAL D 25 20.08 4.43 10.28
CA VAL D 25 21.23 5.32 10.42
C VAL D 25 21.58 5.97 9.10
N ALA D 26 21.55 5.19 8.00
CA ALA D 26 21.97 5.71 6.70
C ALA D 26 21.10 6.88 6.26
N VAL D 27 19.77 6.71 6.31
CA VAL D 27 18.88 7.81 5.94
C VAL D 27 19.03 8.97 6.90
N HIS D 28 19.19 8.67 8.20
CA HIS D 28 19.44 9.73 9.18
C HIS D 28 20.67 10.53 8.81
N LEU D 29 21.74 9.85 8.40
CA LEU D 29 22.94 10.56 7.96
C LEU D 29 22.65 11.47 6.78
N ILE D 30 21.93 10.95 5.77
CA ILE D 30 21.59 11.75 4.60
C ILE D 30 20.81 12.99 5.00
N LEU D 31 19.82 12.83 5.88
CA LEU D 31 19.05 13.98 6.35
C LEU D 31 19.93 14.99 7.08
N TYR D 32 20.86 14.51 7.90
CA TYR D 32 21.79 15.40 8.56
C TYR D 32 22.75 16.04 7.57
N VAL D 33 23.18 15.27 6.56
CA VAL D 33 24.24 15.73 5.67
C VAL D 33 23.69 16.54 4.49
N ARG D 34 22.53 16.18 3.96
CA ARG D 34 21.96 16.92 2.83
C ARG D 34 21.28 18.21 3.27
N GLU D 35 21.59 18.70 4.47
CA GLU D 35 21.12 19.98 5.01
C GLU D 35 19.73 20.38 4.52
N VAL D 36 18.75 19.49 4.71
CA VAL D 36 17.39 19.79 4.30
C VAL D 36 16.83 20.98 5.09
N TYR D 37 17.31 21.17 6.31
CA TYR D 37 16.87 22.25 7.20
C TYR D 37 17.85 22.37 8.36
N PRO D 38 17.71 23.37 9.25
CA PRO D 38 18.51 23.39 10.48
C PRO D 38 18.44 22.07 11.23
N VAL D 39 19.59 21.42 11.38
CA VAL D 39 19.65 20.06 11.92
C VAL D 39 19.81 20.08 13.43
N GLY D 40 19.44 21.20 14.06
CA GLY D 40 19.56 21.33 15.50
C GLY D 40 18.80 20.28 16.29
N ILE D 41 17.91 19.53 15.64
CA ILE D 41 17.16 18.48 16.31
C ILE D 41 18.02 17.25 16.59
N PHE D 42 19.16 17.12 15.92
CA PHE D 42 19.96 15.91 15.99
C PHE D 42 20.73 15.83 17.31
N GLN D 43 20.91 14.60 17.79
CA GLN D 43 21.74 14.30 18.94
C GLN D 43 22.63 13.10 18.63
N LYS D 44 23.81 13.08 19.26
CA LYS D 44 24.78 12.01 19.06
C LYS D 44 24.46 10.82 19.95
N ARG D 45 24.27 9.66 19.33
CA ARG D 45 24.02 8.42 20.06
C ARG D 45 24.87 7.31 19.45
N LYS D 46 25.37 6.42 20.30
CA LYS D 46 26.34 5.41 19.91
C LYS D 46 25.65 4.06 19.70
N LYS D 47 25.99 3.40 18.59
CA LYS D 47 25.58 2.03 18.32
C LYS D 47 26.76 1.31 17.68
N TYR D 48 27.06 0.10 18.17
CA TYR D 48 28.23 -0.66 17.74
C TYR D 48 29.53 0.12 17.98
N ASN D 49 29.55 0.91 19.05
CA ASN D 49 30.68 1.76 19.44
C ASN D 49 31.04 2.78 18.37
N VAL D 50 30.13 3.07 17.43
CA VAL D 50 30.27 4.18 16.50
C VAL D 50 29.11 5.14 16.75
N PRO D 51 29.37 6.45 16.82
CA PRO D 51 28.27 7.40 17.07
C PRO D 51 27.68 7.94 15.78
N VAL D 52 26.36 8.12 15.81
CA VAL D 52 25.61 8.68 14.69
C VAL D 52 24.72 9.81 15.20
N GLN D 53 24.60 10.86 14.41
CA GLN D 53 23.65 11.94 14.72
C GLN D 53 22.25 11.49 14.33
N MET D 54 21.43 11.16 15.33
CA MET D 54 20.05 10.76 15.11
C MET D 54 19.13 11.92 15.47
N SER D 55 18.09 12.10 14.67
CA SER D 55 17.12 13.15 14.94
C SER D 55 16.35 12.83 16.20
N CYS D 56 16.24 13.81 17.10
CA CYS D 56 15.43 13.67 18.30
C CYS D 56 13.98 14.08 18.07
N HIS D 57 13.60 14.34 16.82
CA HIS D 57 12.21 14.67 16.51
C HIS D 57 11.36 13.41 16.55
N PRO D 58 10.37 13.33 17.45
CA PRO D 58 9.62 12.07 17.58
C PRO D 58 8.87 11.66 16.32
N GLU D 59 8.32 12.63 15.58
CA GLU D 59 7.55 12.30 14.39
C GLU D 59 8.43 11.74 13.28
N LEU D 60 9.63 12.32 13.10
CA LEU D 60 10.56 11.78 12.11
C LEU D 60 11.01 10.37 12.49
N ASN D 61 11.34 10.16 13.76
CA ASN D 61 11.72 8.82 14.21
C ASN D 61 10.56 7.84 14.03
N GLN D 62 9.33 8.28 14.32
CA GLN D 62 8.17 7.42 14.14
C GLN D 62 7.97 7.06 12.66
N TYR D 63 8.16 8.03 11.77
CA TYR D 63 8.04 7.76 10.34
C TYR D 63 9.11 6.79 9.87
N ILE D 64 10.33 6.93 10.37
CA ILE D 64 11.41 6.03 9.97
C ILE D 64 11.21 4.64 10.57
N GLN D 65 10.71 4.58 11.80
CA GLN D 65 10.48 3.29 12.45
C GLN D 65 9.36 2.52 11.76
N ASP D 66 8.24 3.20 11.44
CA ASP D 66 7.19 2.55 10.68
C ASP D 66 7.68 2.15 9.30
N THR D 67 8.57 2.95 8.72
CA THR D 67 9.15 2.62 7.42
C THR D 67 9.94 1.33 7.48
N LEU D 68 10.85 1.21 8.46
CA LEU D 68 11.69 0.03 8.54
C LEU D 68 10.92 -1.19 9.03
N HIS D 69 9.87 -0.98 9.84
CA HIS D 69 9.04 -2.10 10.28
C HIS D 69 8.23 -2.69 9.12
N CYS D 70 7.83 -1.85 8.17
CA CYS D 70 7.10 -2.35 7.01
C CYS D 70 8.03 -2.99 5.98
N VAL D 71 9.28 -2.54 5.91
CA VAL D 71 10.22 -3.07 4.93
C VAL D 71 10.95 -4.31 5.44
N LYS D 72 11.02 -4.51 6.76
CA LYS D 72 11.84 -5.58 7.31
C LYS D 72 11.47 -6.97 6.81
N PRO D 73 10.20 -7.39 6.79
CA PRO D 73 9.90 -8.74 6.27
C PRO D 73 10.28 -8.92 4.81
N LEU D 74 10.23 -7.86 4.01
CA LEU D 74 10.70 -7.96 2.63
C LEU D 74 12.17 -8.33 2.57
N LEU D 75 12.96 -7.81 3.51
CA LEU D 75 14.35 -8.24 3.63
C LEU D 75 14.44 -9.69 4.08
N GLU D 76 13.53 -10.11 4.97
CA GLU D 76 13.59 -11.47 5.51
C GLU D 76 13.27 -12.53 4.47
N LYS D 77 12.48 -12.17 3.45
CA LYS D 77 12.04 -13.12 2.43
C LYS D 77 12.86 -13.03 1.15
N ASN D 78 14.02 -12.36 1.20
CA ASN D 78 14.83 -12.10 0.01
C ASN D 78 14.00 -11.43 -1.09
N ASP D 79 13.04 -10.61 -0.69
CA ASP D 79 12.32 -9.75 -1.61
C ASP D 79 12.78 -8.31 -1.39
N VAL D 80 14.01 -8.05 -1.81
CA VAL D 80 14.62 -6.72 -1.74
C VAL D 80 15.58 -6.57 -2.91
N GLU D 81 15.23 -5.70 -3.85
CA GLU D 81 16.10 -5.39 -4.98
C GLU D 81 16.83 -4.06 -4.79
N LYS D 82 16.09 -2.99 -4.52
CA LYS D 82 16.68 -1.67 -4.36
C LYS D 82 15.93 -0.93 -3.25
N VAL D 83 16.67 -0.07 -2.55
CA VAL D 83 16.09 0.89 -1.61
C VAL D 83 16.58 2.27 -2.03
N VAL D 84 15.64 3.18 -2.29
CA VAL D 84 15.95 4.48 -2.86
C VAL D 84 15.50 5.58 -1.92
N VAL D 85 16.35 6.58 -1.75
CA VAL D 85 16.01 7.81 -1.03
C VAL D 85 15.99 8.93 -2.04
N VAL D 86 14.85 9.60 -2.18
CA VAL D 86 14.63 10.62 -3.19
C VAL D 86 14.45 11.96 -2.49
N ILE D 87 15.16 12.98 -2.97
CA ILE D 87 15.03 14.34 -2.45
C ILE D 87 14.21 15.14 -3.45
N LEU D 88 13.15 15.79 -2.96
CA LEU D 88 12.24 16.55 -3.80
C LEU D 88 12.36 18.04 -3.46
N ASP D 89 12.43 18.86 -4.50
CA ASP D 89 12.51 20.31 -4.30
C ASP D 89 11.14 20.83 -3.87
N LYS D 90 11.01 22.16 -3.75
CA LYS D 90 9.71 22.73 -3.40
C LYS D 90 8.72 22.59 -4.55
N GLU D 91 9.20 22.35 -5.76
CA GLU D 91 8.34 22.01 -6.90
C GLU D 91 7.98 20.54 -6.94
N HIS D 92 8.34 19.77 -5.90
CA HIS D 92 8.09 18.34 -5.83
C HIS D 92 8.73 17.59 -7.00
N ARG D 93 9.93 18.05 -7.39
CA ARG D 93 10.71 17.39 -8.43
C ARG D 93 11.97 16.77 -7.85
N PRO D 94 12.31 15.54 -8.24
CA PRO D 94 13.46 14.86 -7.65
C PRO D 94 14.77 15.51 -8.08
N VAL D 95 15.69 15.64 -7.12
CA VAL D 95 16.98 16.28 -7.38
C VAL D 95 18.12 15.30 -7.10
N GLU D 96 17.92 14.42 -6.10
CA GLU D 96 18.95 13.47 -5.72
C GLU D 96 18.31 12.14 -5.36
N LYS D 97 18.93 11.05 -5.84
CA LYS D 97 18.44 9.70 -5.59
C LYS D 97 19.58 8.84 -5.08
N PHE D 98 19.43 8.31 -3.87
CA PHE D 98 20.38 7.37 -3.28
C PHE D 98 19.85 5.97 -3.49
N VAL D 99 20.39 5.26 -4.48
CA VAL D 99 19.97 3.91 -4.81
C VAL D 99 20.85 2.92 -4.06
N PHE D 100 20.22 1.93 -3.42
CA PHE D 100 20.92 0.90 -2.66
C PHE D 100 20.58 -0.46 -3.27
N GLU D 101 21.42 -0.96 -4.16
CA GLU D 101 21.22 -2.29 -4.72
C GLU D 101 21.74 -3.35 -3.75
N ILE D 102 20.99 -4.44 -3.62
CA ILE D 102 21.31 -5.49 -2.67
C ILE D 102 21.23 -6.83 -3.38
N THR D 103 22.26 -7.65 -3.22
CA THR D 103 22.27 -9.04 -3.71
C THR D 103 22.58 -9.95 -2.52
N GLN D 104 21.62 -10.79 -2.16
CA GLN D 104 21.80 -11.71 -1.06
C GLN D 104 22.79 -12.81 -1.44
N PRO D 105 23.34 -13.52 -0.46
CA PRO D 105 24.33 -14.58 -0.76
C PRO D 105 23.81 -15.55 -1.80
N PRO D 106 24.45 -15.61 -2.98
CA PRO D 106 24.06 -16.48 -4.09
C PRO D 106 24.37 -17.95 -3.80
N LEU D 115 28.12 -16.81 14.22
CA LEU D 115 28.02 -15.37 14.42
C LEU D 115 28.90 -14.61 13.43
N LEU D 116 28.48 -13.40 13.07
CA LEU D 116 29.28 -12.50 12.26
C LEU D 116 29.23 -11.09 12.82
N SER D 117 29.03 -10.97 14.12
CA SER D 117 29.15 -9.66 14.76
C SER D 117 30.60 -9.24 14.93
N HIS D 118 31.55 -10.15 14.74
CA HIS D 118 32.96 -9.82 14.88
C HIS D 118 33.42 -8.86 13.79
N VAL D 119 32.76 -8.87 12.64
CA VAL D 119 33.07 -7.92 11.56
C VAL D 119 32.21 -6.70 11.81
N GLU D 120 32.78 -5.73 12.53
CA GLU D 120 32.14 -4.44 12.77
C GLU D 120 32.73 -3.33 11.92
N GLN D 121 33.93 -3.53 11.38
CA GLN D 121 34.59 -2.48 10.62
C GLN D 121 33.85 -2.15 9.33
N LEU D 122 33.16 -3.13 8.74
CA LEU D 122 32.41 -2.85 7.52
C LEU D 122 31.16 -2.03 7.82
N LEU D 123 30.61 -2.15 9.02
CA LEU D 123 29.53 -1.26 9.43
C LEU D 123 29.98 0.20 9.42
N ARG D 124 31.25 0.44 9.74
CA ARG D 124 31.82 1.78 9.68
C ARG D 124 32.18 2.17 8.25
N ALA D 125 32.70 1.21 7.47
CA ALA D 125 33.12 1.49 6.10
C ALA D 125 31.93 1.83 5.21
N PHE D 126 30.78 1.21 5.45
CA PHE D 126 29.57 1.62 4.75
C PHE D 126 29.28 3.09 4.97
N ILE D 127 29.41 3.56 6.22
CA ILE D 127 29.18 4.96 6.53
C ILE D 127 30.17 5.85 5.79
N LEU D 128 31.43 5.41 5.69
CA LEU D 128 32.42 6.22 4.98
C LEU D 128 32.12 6.29 3.49
N LYS D 129 31.49 5.26 2.93
CA LYS D 129 31.13 5.29 1.52
C LYS D 129 30.03 6.30 1.25
N ILE D 130 29.06 6.42 2.17
CA ILE D 130 28.05 7.45 2.03
C ILE D 130 28.69 8.83 2.18
N SER D 131 29.64 8.96 3.11
CA SER D 131 30.27 10.25 3.35
C SER D 131 31.02 10.74 2.12
N VAL D 132 31.80 9.86 1.49
CA VAL D 132 32.58 10.27 0.32
C VAL D 132 31.67 10.49 -0.88
N CYS D 133 30.59 9.71 -1.00
CA CYS D 133 29.65 9.92 -2.10
C CYS D 133 28.97 11.28 -1.99
N ASP D 134 28.77 11.77 -0.76
CA ASP D 134 28.21 13.10 -0.57
C ASP D 134 29.27 14.19 -0.73
N ALA D 135 30.54 13.86 -0.54
CA ALA D 135 31.60 14.86 -0.53
C ALA D 135 31.65 15.69 -1.81
N VAL D 136 30.98 15.26 -2.87
CA VAL D 136 31.14 15.86 -4.18
C VAL D 136 29.88 16.59 -4.66
N LEU D 137 28.69 16.16 -4.25
CA LEU D 137 27.47 16.73 -4.80
C LEU D 137 27.34 18.21 -4.45
N ASP D 138 26.55 18.91 -5.26
CA ASP D 138 26.30 20.33 -5.04
C ASP D 138 25.28 20.53 -3.91
N HIS D 139 25.11 21.79 -3.52
CA HIS D 139 24.19 22.14 -2.45
C HIS D 139 22.75 22.12 -2.96
N ASN D 140 21.85 21.55 -2.15
CA ASN D 140 20.46 21.42 -2.52
C ASN D 140 19.72 22.76 -2.40
N PRO D 141 18.66 22.94 -3.18
CA PRO D 141 17.81 24.13 -3.01
C PRO D 141 17.16 24.12 -1.63
N PRO D 142 16.68 25.28 -1.17
CA PRO D 142 16.03 25.32 0.15
C PRO D 142 14.60 24.78 0.10
N GLY D 143 14.10 24.45 1.29
CA GLY D 143 12.73 23.97 1.41
C GLY D 143 12.47 22.60 0.82
N CYS D 144 13.52 21.82 0.58
CA CYS D 144 13.36 20.49 0.01
C CYS D 144 12.88 19.50 1.06
N THR D 145 12.14 18.49 0.61
CA THR D 145 11.72 17.36 1.44
C THR D 145 12.21 16.07 0.79
N PHE D 146 11.75 14.93 1.31
CA PHE D 146 12.24 13.65 0.84
C PHE D 146 11.15 12.60 0.96
N THR D 147 11.37 11.46 0.31
CA THR D 147 10.50 10.30 0.41
C THR D 147 11.35 9.05 0.19
N VAL D 148 10.75 7.90 0.49
CA VAL D 148 11.45 6.62 0.43
C VAL D 148 10.76 5.75 -0.62
N LEU D 149 11.57 4.98 -1.35
CA LEU D 149 11.08 4.01 -2.33
C LEU D 149 11.74 2.67 -2.07
N VAL D 150 10.98 1.58 -2.28
CA VAL D 150 11.49 0.23 -2.16
C VAL D 150 11.12 -0.52 -3.44
N HIS D 151 12.13 -1.02 -4.15
CA HIS D 151 11.93 -1.79 -5.37
C HIS D 151 12.27 -3.25 -5.12
N THR D 152 11.33 -4.14 -5.43
CA THR D 152 11.49 -5.58 -5.25
C THR D 152 10.90 -6.27 -6.47
N ARG D 153 11.19 -7.57 -6.61
CA ARG D 153 10.75 -8.32 -7.77
C ARG D 153 10.86 -9.81 -7.49
N GLU D 154 9.99 -10.58 -8.14
CA GLU D 154 10.01 -12.04 -8.06
C GLU D 154 9.63 -12.66 -9.42
N ALA D 155 9.85 -11.92 -10.50
CA ALA D 155 9.60 -12.43 -11.84
C ALA D 155 10.82 -13.26 -12.28
N ALA D 156 10.82 -13.66 -13.56
CA ALA D 156 11.92 -14.46 -14.09
C ALA D 156 13.23 -13.69 -14.05
N THR D 157 14.08 -14.02 -13.07
CA THR D 157 15.39 -13.38 -12.93
C THR D 157 16.35 -13.84 -14.03
N ARG D 158 15.79 -14.33 -15.14
CA ARG D 158 16.55 -14.85 -16.27
C ARG D 158 17.56 -15.91 -15.82
N MET D 199 25.74 -6.12 -0.73
CA MET D 199 25.05 -4.83 -0.84
C MET D 199 26.02 -3.76 -1.32
N GLN D 200 25.50 -2.82 -2.09
CA GLN D 200 26.27 -1.68 -2.58
C GLN D 200 25.30 -0.59 -3.00
N LEU D 201 25.84 0.60 -3.24
CA LEU D 201 25.00 1.74 -3.57
C LEU D 201 25.65 2.59 -4.65
N TYR D 202 24.85 3.45 -5.26
CA TYR D 202 25.30 4.52 -6.13
C TYR D 202 24.24 5.61 -6.11
N VAL D 203 24.66 6.81 -6.51
CA VAL D 203 23.83 8.00 -6.39
C VAL D 203 23.60 8.60 -7.78
N GLU D 204 22.40 9.13 -8.00
CA GLU D 204 22.05 9.84 -9.22
C GLU D 204 21.71 11.28 -8.85
N GLU D 205 22.41 12.22 -9.47
CA GLU D 205 22.24 13.64 -9.18
C GLU D 205 21.66 14.36 -10.40
N ARG D 206 20.83 15.36 -10.14
CA ARG D 206 20.16 16.11 -11.18
C ARG D 206 21.04 17.27 -11.65
N ALA D 207 20.78 17.73 -12.88
CA ALA D 207 21.50 18.87 -13.43
C ALA D 207 21.21 20.14 -12.65
N HIS D 208 19.93 20.47 -12.49
CA HIS D 208 19.49 21.67 -11.79
C HIS D 208 20.12 22.93 -12.38
N SER E 2 -5.22 0.16 11.56
CA SER E 2 -3.81 0.50 11.39
C SER E 2 -3.40 0.38 9.93
N GLN E 3 -3.78 -0.73 9.31
CA GLN E 3 -3.43 -1.00 7.92
C GLN E 3 -4.71 -1.26 7.13
N VAL E 4 -4.84 -0.57 5.99
CA VAL E 4 -5.93 -0.79 5.06
C VAL E 4 -5.33 -0.93 3.66
N HIS E 5 -5.57 -2.06 3.01
CA HIS E 5 -4.98 -2.38 1.71
C HIS E 5 -6.05 -2.17 0.64
N ILE E 6 -6.13 -0.94 0.13
CA ILE E 6 -7.07 -0.59 -0.92
C ILE E 6 -6.50 -1.11 -2.24
N PHE E 7 -7.01 -2.26 -2.69
CA PHE E 7 -6.56 -2.86 -3.95
C PHE E 7 -7.38 -2.24 -5.07
N TRP E 8 -6.94 -1.07 -5.51
CA TRP E 8 -7.63 -0.34 -6.56
C TRP E 8 -7.50 -1.08 -7.89
N GLY E 9 -8.63 -1.25 -8.58
CA GLY E 9 -8.64 -1.94 -9.85
C GLY E 9 -10.03 -1.95 -10.47
N ALA E 10 -10.35 -3.03 -11.21
CA ALA E 10 -11.65 -3.25 -11.85
C ALA E 10 -11.89 -2.29 -12.99
N PRO E 11 -12.32 -2.77 -14.15
CA PRO E 11 -12.63 -1.88 -15.28
C PRO E 11 -14.09 -1.46 -15.30
N ILE E 12 -14.53 -0.87 -16.41
CA ILE E 12 -15.92 -0.47 -16.59
C ILE E 12 -16.32 -0.77 -18.03
N ALA E 13 -17.43 -1.50 -18.20
CA ALA E 13 -18.06 -1.78 -19.50
C ALA E 13 -17.06 -2.36 -20.49
N PRO E 14 -16.72 -3.65 -20.38
CA PRO E 14 -15.78 -4.32 -21.30
C PRO E 14 -16.23 -4.27 -22.75
N THR E 33 -4.64 7.81 14.24
CA THR E 33 -4.46 7.97 12.79
C THR E 33 -3.88 6.70 12.18
N THR E 34 -4.67 6.05 11.31
CA THR E 34 -4.35 4.75 10.75
C THR E 34 -3.73 4.88 9.37
N GLU E 35 -2.75 4.04 9.08
CA GLU E 35 -2.03 4.10 7.82
C GLU E 35 -2.86 3.50 6.69
N VAL E 36 -2.68 4.05 5.49
CA VAL E 36 -3.42 3.64 4.30
C VAL E 36 -2.44 3.09 3.28
N ILE E 37 -2.56 1.79 2.98
CA ILE E 37 -1.70 1.12 2.02
C ILE E 37 -2.51 0.97 0.73
N LEU E 38 -2.43 2.00 -0.11
CA LEU E 38 -3.13 1.99 -1.39
C LEU E 38 -2.32 1.22 -2.43
N HIS E 39 -3.01 0.46 -3.26
CA HIS E 39 -2.36 -0.33 -4.31
C HIS E 39 -2.74 0.23 -5.67
N TYR E 40 -2.16 1.40 -5.96
CA TYR E 40 -2.25 2.21 -7.16
C TYR E 40 -2.20 1.35 -8.42
N ARG E 41 -1.00 0.87 -8.78
CA ARG E 41 -0.75 -0.05 -9.90
C ARG E 41 -1.44 0.36 -11.21
N PRO E 42 -1.17 1.56 -11.76
CA PRO E 42 -1.77 1.90 -13.05
C PRO E 42 -0.85 2.64 -14.02
N CYS E 43 -0.93 2.28 -15.30
CA CYS E 43 -0.38 3.09 -16.37
C CYS E 43 -1.46 3.71 -17.23
N GLU E 44 -2.74 3.43 -16.92
CA GLU E 44 -3.86 3.94 -17.71
C GLU E 44 -3.88 5.46 -17.72
N SER E 45 -3.59 6.08 -16.57
CA SER E 45 -3.46 7.53 -16.44
C SER E 45 -4.75 8.27 -16.75
N ASP E 46 -5.60 8.42 -15.73
CA ASP E 46 -6.77 9.28 -15.65
C ASP E 46 -7.42 9.33 -14.27
N PRO E 47 -7.11 8.38 -13.30
CA PRO E 47 -7.94 8.31 -12.09
C PRO E 47 -7.70 9.47 -11.11
N THR E 48 -6.96 10.48 -11.58
CA THR E 48 -6.66 11.71 -10.84
C THR E 48 -6.44 11.45 -9.35
N GLN E 49 -7.06 12.23 -8.46
CA GLN E 49 -6.82 12.10 -7.02
C GLN E 49 -7.55 10.88 -6.48
N LEU E 50 -6.96 9.70 -6.71
CA LEU E 50 -7.49 8.45 -6.16
C LEU E 50 -7.76 8.50 -4.67
N PRO E 51 -6.82 8.93 -3.82
CA PRO E 51 -7.08 8.95 -2.37
C PRO E 51 -8.33 9.72 -1.97
N LYS E 52 -8.61 10.86 -2.61
CA LYS E 52 -9.85 11.57 -2.30
C LYS E 52 -11.06 10.70 -2.59
N ILE E 53 -10.98 9.82 -3.59
CA ILE E 53 -12.00 8.78 -3.74
C ILE E 53 -11.78 7.67 -2.73
N ALA E 54 -10.52 7.28 -2.50
CA ALA E 54 -10.23 6.25 -1.51
C ALA E 54 -10.56 6.73 -0.10
N GLU E 55 -10.41 8.02 0.17
CA GLU E 55 -10.90 8.58 1.42
C GLU E 55 -12.42 8.46 1.50
N LYS E 56 -13.10 8.63 0.37
CA LYS E 56 -14.53 8.32 0.32
C LYS E 56 -14.76 6.81 0.42
N ALA E 57 -13.94 6.02 -0.27
CA ALA E 57 -14.10 4.57 -0.32
C ALA E 57 -13.89 3.91 1.04
N ILE E 58 -13.46 4.67 2.06
CA ILE E 58 -13.40 4.14 3.42
C ILE E 58 -14.17 4.99 4.41
N GLN E 59 -14.51 6.24 4.08
CA GLN E 59 -15.30 7.07 4.96
C GLN E 59 -16.68 6.45 5.18
N ASP E 60 -17.16 6.51 6.41
CA ASP E 60 -18.47 5.95 6.72
C ASP E 60 -19.57 6.76 6.05
N PHE E 61 -20.72 6.12 5.87
CA PHE E 61 -21.86 6.70 5.17
C PHE E 61 -23.12 6.42 5.97
N PRO E 62 -24.28 7.01 5.62
CA PRO E 62 -25.52 6.60 6.28
C PRO E 62 -25.76 5.11 6.18
N THR E 63 -25.38 4.36 7.23
CA THR E 63 -25.55 2.91 7.25
C THR E 63 -27.04 2.61 7.32
N ARG E 64 -27.64 2.36 6.16
CA ARG E 64 -29.04 1.93 6.14
C ARG E 64 -29.15 0.59 6.86
N PRO E 65 -29.80 0.52 8.02
CA PRO E 65 -29.81 -0.74 8.78
C PRO E 65 -30.40 -1.87 7.96
N LEU E 66 -29.87 -3.08 8.19
CA LEU E 66 -30.29 -4.24 7.41
C LEU E 66 -31.79 -4.40 7.45
N SER E 67 -32.40 -4.48 6.26
CA SER E 67 -33.83 -4.71 6.16
C SER E 67 -34.12 -6.15 6.57
N ARG E 68 -34.98 -6.33 7.56
CA ARG E 68 -35.36 -7.68 7.97
C ARG E 68 -36.26 -8.31 6.92
N PHE E 69 -35.97 -9.57 6.58
CA PHE E 69 -36.71 -10.28 5.55
C PHE E 69 -37.81 -11.12 6.21
N ILE E 70 -39.04 -10.92 5.75
CA ILE E 70 -40.18 -11.69 6.23
C ILE E 70 -41.03 -12.09 5.02
N PRO E 71 -41.68 -13.26 5.04
CA PRO E 71 -42.62 -13.59 3.98
C PRO E 71 -43.91 -12.79 4.12
N TRP E 72 -44.61 -12.64 3.00
CA TRP E 72 -45.82 -11.83 2.96
C TRP E 72 -47.07 -12.63 3.24
N PHE E 73 -47.29 -13.72 2.50
CA PHE E 73 -48.48 -14.54 2.67
C PHE E 73 -48.09 -15.90 3.23
N PRO E 74 -48.22 -16.13 4.54
CA PRO E 74 -47.89 -17.44 5.09
C PRO E 74 -48.82 -18.52 4.55
N TYR E 75 -48.43 -19.77 4.77
CA TYR E 75 -49.23 -20.91 4.30
C TYR E 75 -50.56 -20.92 5.04
N ASP E 76 -51.62 -20.51 4.37
CA ASP E 76 -52.96 -20.52 4.94
C ASP E 76 -53.64 -21.84 4.62
N GLY E 77 -54.00 -22.59 5.65
CA GLY E 77 -54.70 -23.85 5.44
C GLY E 77 -56.14 -23.68 5.01
N SER E 78 -56.70 -22.47 5.17
CA SER E 78 -58.08 -22.23 4.77
C SER E 78 -58.21 -21.94 3.29
N LYS E 79 -57.29 -21.15 2.73
CA LYS E 79 -57.33 -20.78 1.32
C LYS E 79 -56.50 -21.80 0.55
N LEU E 80 -57.18 -22.75 -0.08
CA LEU E 80 -56.49 -23.79 -0.84
C LEU E 80 -56.05 -23.26 -2.20
N PRO E 81 -54.92 -23.75 -2.72
CA PRO E 81 -54.48 -23.31 -4.04
C PRO E 81 -55.06 -24.17 -5.16
N LEU E 82 -54.72 -23.83 -6.40
CA LEU E 82 -55.13 -24.61 -7.55
C LEU E 82 -53.97 -25.43 -8.08
N ARG E 83 -54.32 -26.47 -8.83
CA ARG E 83 -53.38 -27.46 -9.33
C ARG E 83 -53.83 -27.88 -10.71
N PRO E 84 -52.91 -28.06 -11.66
CA PRO E 84 -53.30 -28.58 -12.96
C PRO E 84 -53.81 -30.01 -12.85
N LYS E 85 -54.97 -30.26 -13.47
CA LYS E 85 -55.51 -31.61 -13.49
C LYS E 85 -54.53 -32.58 -14.13
N ARG E 86 -53.89 -32.16 -15.21
CA ARG E 86 -52.90 -32.98 -15.89
C ARG E 86 -51.59 -33.00 -15.12
N SER E 87 -50.93 -34.15 -15.15
CA SER E 87 -49.58 -34.14 -14.62
C SER E 87 -48.57 -33.95 -15.74
N PRO E 88 -47.49 -33.20 -15.51
CA PRO E 88 -46.53 -32.92 -16.59
C PRO E 88 -45.84 -34.19 -17.04
N PRO E 89 -45.28 -34.20 -18.25
CA PRO E 89 -44.52 -35.38 -18.69
C PRO E 89 -43.34 -35.63 -17.77
N ALA E 90 -43.13 -36.89 -17.45
CA ALA E 90 -42.16 -37.28 -16.43
C ALA E 90 -40.95 -37.96 -17.07
N SER E 91 -39.95 -38.23 -16.23
CA SER E 91 -38.76 -38.95 -16.66
C SER E 91 -38.16 -39.60 -15.41
N ARG E 92 -38.27 -40.93 -15.33
CA ARG E 92 -37.76 -41.71 -14.22
C ARG E 92 -38.40 -41.30 -12.89
N SER F 2 8.52 -4.58 -10.63
CA SER F 2 7.23 -5.20 -10.37
C SER F 2 6.55 -4.57 -9.15
N GLN F 3 7.31 -4.44 -8.06
CA GLN F 3 6.81 -3.88 -6.82
C GLN F 3 7.60 -2.63 -6.46
N VAL F 4 6.90 -1.54 -6.18
CA VAL F 4 7.51 -0.31 -5.68
C VAL F 4 6.69 0.16 -4.49
N HIS F 5 7.35 0.28 -3.34
CA HIS F 5 6.68 0.65 -2.08
C HIS F 5 7.05 2.10 -1.75
N ILE F 6 6.23 3.03 -2.22
CA ILE F 6 6.42 4.45 -1.95
C ILE F 6 5.92 4.72 -0.54
N PHE F 7 6.85 4.85 0.41
CA PHE F 7 6.49 5.16 1.79
C PHE F 7 6.36 6.68 1.92
N TRP F 8 5.20 7.18 1.51
CA TRP F 8 4.94 8.62 1.53
C TRP F 8 4.85 9.11 2.97
N GLY F 9 5.56 10.20 3.26
CA GLY F 9 5.55 10.78 4.58
C GLY F 9 6.40 12.03 4.67
N ALA F 10 7.07 12.23 5.81
CA ALA F 10 7.98 13.34 6.09
C ALA F 10 7.23 14.66 6.16
N PRO F 11 7.44 15.45 7.22
CA PRO F 11 6.78 16.76 7.32
C PRO F 11 7.64 17.86 6.72
N ILE F 12 7.27 19.12 6.96
CA ILE F 12 8.02 20.28 6.48
C ILE F 12 8.05 21.33 7.58
N ALA F 13 9.26 21.78 7.94
CA ALA F 13 9.49 22.86 8.89
C ALA F 13 8.72 22.65 10.19
N PRO F 14 9.21 21.78 11.10
CA PRO F 14 8.56 21.52 12.38
C PRO F 14 8.39 22.78 13.24
N THR F 33 4.51 -3.35 -17.60
CA THR F 33 3.92 -2.43 -16.63
C THR F 33 4.09 -2.94 -15.20
N THR F 34 4.83 -2.19 -14.39
CA THR F 34 5.14 -2.59 -13.02
C THR F 34 4.12 -2.01 -12.05
N GLU F 35 3.80 -2.79 -11.02
CA GLU F 35 2.76 -2.41 -10.07
C GLU F 35 3.29 -1.42 -9.05
N VAL F 36 2.41 -0.54 -8.60
CA VAL F 36 2.77 0.57 -7.72
C VAL F 36 2.06 0.38 -6.39
N ILE F 37 2.83 0.12 -5.34
CA ILE F 37 2.27 -0.02 -3.99
C ILE F 37 2.55 1.26 -3.20
N LEU F 38 1.63 2.21 -3.29
CA LEU F 38 1.76 3.48 -2.60
C LEU F 38 1.31 3.35 -1.15
N HIS F 39 1.89 4.17 -0.27
CA HIS F 39 1.57 4.10 1.15
C HIS F 39 1.07 5.47 1.60
N TYR F 40 -0.24 5.62 1.47
CA TYR F 40 -0.92 6.91 1.52
C TYR F 40 -0.75 7.60 2.87
N ARG F 41 -0.81 6.82 3.97
CA ARG F 41 -0.71 7.29 5.35
C ARG F 41 -2.03 7.95 5.75
N PRO F 42 -2.23 8.37 7.04
CA PRO F 42 -3.60 8.59 7.54
C PRO F 42 -4.34 9.81 6.99
N CYS F 43 -4.69 10.74 7.90
CA CYS F 43 -5.35 12.02 7.58
C CYS F 43 -4.46 12.94 6.74
N GLU F 44 -3.39 12.32 6.23
CA GLU F 44 -2.48 12.98 5.30
C GLU F 44 -3.24 13.75 4.21
N SER F 45 -4.44 13.30 3.86
CA SER F 45 -5.29 13.92 2.85
C SER F 45 -5.44 15.43 3.03
N ASP F 46 -4.64 16.21 2.29
CA ASP F 46 -4.72 17.66 2.21
C ASP F 46 -3.84 18.22 1.08
N PRO F 47 -2.63 17.66 0.80
CA PRO F 47 -1.85 18.22 -0.32
C PRO F 47 -2.36 17.72 -1.67
N THR F 48 -3.58 18.12 -2.01
CA THR F 48 -4.30 17.81 -3.26
C THR F 48 -4.00 16.40 -3.79
N GLN F 49 -3.86 16.27 -5.12
CA GLN F 49 -3.73 14.97 -5.75
C GLN F 49 -2.39 14.31 -5.44
N LEU F 50 -2.35 13.56 -4.34
CA LEU F 50 -1.13 12.84 -3.95
C LEU F 50 -0.60 11.90 -5.02
N PRO F 51 -1.41 11.08 -5.70
CA PRO F 51 -0.84 10.16 -6.71
C PRO F 51 -0.14 10.89 -7.84
N LYS F 52 -0.72 11.97 -8.35
CA LYS F 52 -0.05 12.74 -9.41
C LYS F 52 1.27 13.34 -8.91
N ILE F 53 1.37 13.62 -7.61
CA ILE F 53 2.63 14.09 -7.05
C ILE F 53 3.65 12.96 -7.03
N ALA F 54 3.24 11.79 -6.52
CA ALA F 54 4.14 10.64 -6.47
C ALA F 54 4.55 10.18 -7.85
N GLU F 55 3.75 10.46 -8.89
CA GLU F 55 4.14 10.11 -10.25
C GLU F 55 5.45 10.80 -10.64
N LYS F 56 5.73 11.96 -10.06
CA LYS F 56 6.99 12.64 -10.36
C LYS F 56 8.18 11.94 -9.71
N ALA F 57 8.00 11.44 -8.49
CA ALA F 57 9.12 10.87 -7.74
C ALA F 57 9.57 9.54 -8.33
N ILE F 58 8.66 8.77 -8.93
CA ILE F 58 9.08 7.53 -9.58
C ILE F 58 9.73 7.77 -10.92
N GLN F 59 9.47 8.92 -11.54
CA GLN F 59 9.97 9.18 -12.89
C GLN F 59 11.48 9.39 -12.88
N ASP F 60 12.12 8.96 -13.96
CA ASP F 60 13.55 9.20 -14.15
C ASP F 60 13.78 10.66 -14.57
N PHE F 61 15.06 11.04 -14.59
CA PHE F 61 15.46 12.39 -14.95
C PHE F 61 16.85 12.30 -15.56
N PRO F 62 17.28 13.32 -16.31
CA PRO F 62 18.65 13.31 -16.84
C PRO F 62 19.68 13.56 -15.75
N THR F 63 20.43 12.53 -15.36
CA THR F 63 21.38 12.69 -14.28
C THR F 63 22.72 13.13 -14.81
N ARG F 64 23.31 14.13 -14.17
CA ARG F 64 24.68 14.52 -14.45
C ARG F 64 25.62 13.58 -13.70
N PRO F 65 26.43 12.78 -14.39
CA PRO F 65 27.22 11.76 -13.68
C PRO F 65 28.12 12.35 -12.62
N LEU F 66 28.38 11.54 -11.59
CA LEU F 66 29.15 11.99 -10.44
C LEU F 66 30.48 12.59 -10.85
N SER F 67 30.84 13.70 -10.21
CA SER F 67 32.16 14.27 -10.42
C SER F 67 33.18 13.49 -9.61
N ARG F 68 34.26 13.05 -10.28
CA ARG F 68 35.33 12.38 -9.57
C ARG F 68 36.09 13.39 -8.72
N PHE F 69 36.40 12.99 -7.49
CA PHE F 69 37.06 13.88 -6.54
C PHE F 69 38.57 13.76 -6.70
N ILE F 70 39.23 14.89 -6.94
CA ILE F 70 40.69 14.95 -7.01
C ILE F 70 41.14 16.16 -6.19
N PRO F 71 42.25 16.06 -5.47
CA PRO F 71 42.76 17.24 -4.76
C PRO F 71 43.34 18.25 -5.73
N TRP F 72 43.39 19.50 -5.27
CA TRP F 72 43.88 20.60 -6.10
C TRP F 72 45.40 20.76 -6.00
N PHE F 73 45.92 20.85 -4.78
CA PHE F 73 47.35 21.03 -4.56
C PHE F 73 47.90 19.83 -3.79
N PRO F 74 48.47 18.84 -4.48
CA PRO F 74 49.05 17.68 -3.77
C PRO F 74 50.25 18.10 -2.93
N TYR F 75 50.70 17.17 -2.11
CA TYR F 75 51.84 17.41 -1.21
C TYR F 75 53.12 17.49 -2.03
N ASP F 76 53.60 18.72 -2.24
CA ASP F 76 54.85 18.95 -2.96
C ASP F 76 55.99 19.06 -1.96
N GLY F 77 57.03 18.24 -2.14
CA GLY F 77 58.13 18.21 -1.21
C GLY F 77 59.01 19.44 -1.25
N SER F 78 58.85 20.28 -2.27
CA SER F 78 59.73 21.44 -2.40
C SER F 78 59.21 22.63 -1.60
N LYS F 79 57.90 22.79 -1.50
CA LYS F 79 57.29 23.97 -0.88
C LYS F 79 56.98 23.65 0.57
N LEU F 80 57.81 24.16 1.48
CA LEU F 80 57.57 23.95 2.91
C LEU F 80 56.53 24.94 3.42
N PRO F 81 55.68 24.51 4.36
CA PRO F 81 54.62 25.39 4.87
C PRO F 81 55.05 26.23 6.05
N LEU F 82 54.13 27.04 6.58
CA LEU F 82 54.38 27.88 7.74
C LEU F 82 53.72 27.29 8.97
N ARG F 83 54.30 27.59 10.14
CA ARG F 83 53.87 27.03 11.40
C ARG F 83 54.04 28.07 12.50
N PRO F 84 53.10 28.17 13.44
CA PRO F 84 53.33 29.03 14.60
C PRO F 84 54.44 28.47 15.46
N LYS F 85 55.29 29.36 15.98
CA LYS F 85 56.40 28.92 16.82
C LYS F 85 55.90 28.24 18.09
N ARG F 86 54.79 28.73 18.64
CA ARG F 86 54.27 28.21 19.88
C ARG F 86 53.46 26.94 19.64
N SER F 87 53.57 26.03 20.57
CA SER F 87 52.70 24.87 20.60
C SER F 87 51.54 25.12 21.55
N PRO F 88 50.36 24.56 21.25
CA PRO F 88 49.18 24.87 22.06
C PRO F 88 49.33 24.33 23.47
N PRO F 89 48.68 24.94 24.45
CA PRO F 89 48.74 24.42 25.81
C PRO F 89 48.04 23.08 25.91
N ALA F 90 48.53 22.24 26.83
CA ALA F 90 47.98 20.91 27.06
C ALA F 90 47.06 20.93 28.27
N SER F 91 46.61 19.74 28.65
CA SER F 91 45.69 19.59 29.78
C SER F 91 46.33 20.05 31.08
#